data_2R3Y
#
_entry.id   2R3Y
#
_cell.length_a   205.800
_cell.length_b   142.700
_cell.length_c   41.100
_cell.angle_alpha   90.00
_cell.angle_beta   90.68
_cell.angle_gamma   90.00
#
_symmetry.space_group_name_H-M   'C 1 2 1'
#
loop_
_entity.id
_entity.type
_entity.pdbx_description
1 polymer 'Protease degS'
2 polymer 'Synthetic peptide YWF'
3 water water
#
loop_
_entity_poly.entity_id
_entity_poly.type
_entity_poly.pdbx_seq_one_letter_code
_entity_poly.pdbx_strand_id
1 'polypeptide(L)'
;MTPASYNLAVRRAAPAVVNVYNRGLNTNSHNQLEIRTLGSGVIMDQRGYIITNKHVINDADQIIVALQDGRVFEALLVGS
DSLTDLAVLKINATGGLPTIPINARRVPHIGDVVLAIGNPYNLGQTITQGIISATGRIGLNPTGRQNFLQTDASINHGNS
GGALVNSLGELMGINTLSFDKSNDGETPEGIGFAIPFQLATKIMDKLIRDGRVIRGYIGIGGREIAPLHAQGGGIDQLQG
IVVNEVSPDGPAANAGIQVNDLIISVDNKPAISALETMDQVAEIRPGSVIPVVVMRDDKQLTLQVTIQEYPATN
;
A,B,C
2 'polypeptide(L)' DNRLGLVYWF D,E,F
#
# COMPACT_ATOMS: atom_id res chain seq x y z
N MET A 1 -18.61 -16.86 11.13
CA MET A 1 -18.15 -16.26 12.42
C MET A 1 -18.12 -14.75 12.30
N THR A 2 -17.01 -14.16 12.76
CA THR A 2 -16.81 -12.72 12.72
C THR A 2 -15.64 -12.33 11.82
N PRO A 3 -15.91 -11.49 10.82
CA PRO A 3 -14.81 -11.10 9.94
C PRO A 3 -13.82 -10.22 10.69
N ALA A 4 -12.53 -10.39 10.43
CA ALA A 4 -11.55 -9.53 11.07
C ALA A 4 -11.94 -8.13 10.60
N SER A 5 -11.94 -7.15 11.49
CA SER A 5 -12.33 -5.81 11.09
C SER A 5 -11.87 -4.71 12.03
N TYR A 6 -11.69 -3.51 11.48
CA TYR A 6 -11.30 -2.35 12.28
C TYR A 6 -12.47 -1.37 12.32
N ASN A 7 -13.67 -1.85 11.99
CA ASN A 7 -14.85 -1.00 12.03
C ASN A 7 -15.05 -0.30 13.37
N LEU A 8 -14.71 -0.96 14.47
CA LEU A 8 -14.87 -0.35 15.77
C LEU A 8 -14.11 0.99 15.78
N ALA A 9 -12.85 0.97 15.33
CA ALA A 9 -12.05 2.20 15.26
C ALA A 9 -12.71 3.22 14.34
N VAL A 10 -13.23 2.76 13.21
CA VAL A 10 -13.90 3.65 12.27
C VAL A 10 -15.14 4.29 12.91
N ARG A 11 -15.99 3.47 13.50
CA ARG A 11 -17.22 3.93 14.14
C ARG A 11 -16.95 4.98 15.23
N ARG A 12 -15.89 4.78 15.98
CA ARG A 12 -15.55 5.66 17.07
C ARG A 12 -14.91 6.97 16.69
N ALA A 13 -14.01 6.95 15.72
CA ALA A 13 -13.30 8.16 15.36
C ALA A 13 -13.65 8.88 14.07
N ALA A 14 -14.14 8.16 13.06
CA ALA A 14 -14.43 8.82 11.78
C ALA A 14 -15.37 10.04 11.81
N PRO A 15 -16.47 9.98 12.60
CA PRO A 15 -17.43 11.09 12.69
C PRO A 15 -16.80 12.43 13.02
N ALA A 16 -15.64 12.36 13.68
CA ALA A 16 -14.95 13.55 14.10
C ALA A 16 -13.97 14.14 13.11
N VAL A 17 -13.65 13.43 12.03
CA VAL A 17 -12.73 14.03 11.09
C VAL A 17 -13.54 14.62 9.95
N VAL A 18 -13.24 15.88 9.67
CA VAL A 18 -13.96 16.66 8.69
C VAL A 18 -13.21 16.95 7.40
N ASN A 19 -13.97 17.33 6.38
CA ASN A 19 -13.42 17.69 5.08
C ASN A 19 -13.22 19.20 5.17
N VAL A 20 -12.03 19.68 4.84
CA VAL A 20 -11.73 21.12 4.90
C VAL A 20 -11.51 21.66 3.49
N TYR A 21 -12.14 22.78 3.19
CA TYR A 21 -12.02 23.43 1.87
C TYR A 21 -11.51 24.85 2.00
N ASN A 22 -10.44 25.14 1.27
CA ASN A 22 -9.84 26.46 1.25
C ASN A 22 -10.39 27.19 0.01
N ARG A 23 -11.22 28.20 0.21
CA ARG A 23 -11.77 28.93 -0.93
C ARG A 23 -11.24 30.35 -1.03
N GLY A 24 -11.11 30.83 -2.27
CA GLY A 24 -10.58 32.16 -2.46
C GLY A 24 -11.52 33.07 -3.20
N LEU A 25 -11.28 34.36 -3.05
CA LEU A 25 -12.08 35.41 -3.67
C LEU A 25 -11.45 35.93 -4.97
N ASN A 26 -10.17 35.63 -5.19
CA ASN A 26 -9.49 36.10 -6.38
C ASN A 26 -8.87 34.91 -7.09
N THR A 27 -9.67 33.86 -7.22
CA THR A 27 -9.29 32.59 -7.84
C THR A 27 -9.87 32.55 -9.25
N ASN A 28 -11.03 33.17 -9.43
CA ASN A 28 -11.65 33.28 -10.74
C ASN A 28 -11.82 34.77 -10.92
N SER A 29 -12.15 35.20 -12.13
CA SER A 29 -12.25 36.62 -12.43
C SER A 29 -13.53 37.32 -11.97
N HIS A 30 -14.54 36.54 -11.63
CA HIS A 30 -15.80 37.11 -11.17
C HIS A 30 -15.82 37.16 -9.65
N ASN A 31 -14.68 36.81 -9.07
CA ASN A 31 -14.48 36.73 -7.63
C ASN A 31 -15.65 36.12 -6.87
N GLN A 32 -15.94 34.88 -7.21
CA GLN A 32 -16.96 34.08 -6.56
C GLN A 32 -16.13 33.04 -5.82
N LEU A 33 -16.51 32.71 -4.59
CA LEU A 33 -15.76 31.74 -3.82
C LEU A 33 -15.55 30.46 -4.61
N GLU A 34 -14.31 29.98 -4.61
CA GLU A 34 -13.93 28.76 -5.32
C GLU A 34 -12.82 27.99 -4.58
N ILE A 35 -12.92 26.67 -4.58
CA ILE A 35 -11.92 25.81 -3.94
C ILE A 35 -10.54 26.05 -4.55
N ARG A 36 -9.54 26.27 -3.71
CA ARG A 36 -8.14 26.46 -4.11
C ARG A 36 -7.42 25.16 -3.70
N THR A 37 -7.73 24.70 -2.49
CA THR A 37 -7.19 23.44 -1.95
C THR A 37 -8.21 22.86 -1.02
N LEU A 38 -8.01 21.59 -0.71
CA LEU A 38 -8.91 20.90 0.19
C LEU A 38 -8.11 19.86 0.95
N GLY A 39 -8.61 19.49 2.12
CA GLY A 39 -7.92 18.51 2.93
C GLY A 39 -8.84 18.05 4.03
N SER A 40 -8.28 17.63 5.14
CA SER A 40 -9.10 17.14 6.25
C SER A 40 -8.81 17.86 7.56
N GLY A 41 -9.66 17.64 8.54
CA GLY A 41 -9.47 18.26 9.83
C GLY A 41 -9.98 17.32 10.90
N VAL A 42 -9.61 17.60 12.14
CA VAL A 42 -10.04 16.76 13.24
C VAL A 42 -10.66 17.60 14.36
N ILE A 43 -11.92 17.32 14.67
CA ILE A 43 -12.58 18.07 15.73
C ILE A 43 -11.99 17.65 17.07
N MET A 44 -11.32 18.59 17.74
CA MET A 44 -10.69 18.29 19.02
C MET A 44 -11.56 18.35 20.27
N ASP A 45 -12.44 19.34 20.37
CA ASP A 45 -13.34 19.44 21.54
C ASP A 45 -14.65 20.07 21.11
N GLN A 46 -15.62 20.13 22.02
CA GLN A 46 -16.91 20.65 21.65
C GLN A 46 -17.04 22.15 21.54
N ARG A 47 -15.94 22.85 21.76
CA ARG A 47 -15.98 24.27 21.60
C ARG A 47 -15.96 24.59 20.12
N GLY A 48 -15.57 23.60 19.32
CA GLY A 48 -15.51 23.78 17.87
C GLY A 48 -14.09 23.92 17.34
N TYR A 49 -13.09 23.74 18.19
CA TYR A 49 -11.70 23.82 17.76
C TYR A 49 -11.34 22.63 16.90
N ILE A 50 -10.75 22.93 15.76
CA ILE A 50 -10.39 21.92 14.79
C ILE A 50 -8.93 22.04 14.41
N ILE A 51 -8.25 20.91 14.28
CA ILE A 51 -6.86 20.93 13.87
C ILE A 51 -6.79 20.55 12.40
N THR A 52 -5.88 21.17 11.66
CA THR A 52 -5.68 20.81 10.26
C THR A 52 -4.25 21.16 9.93
N ASN A 53 -3.88 21.14 8.66
CA ASN A 53 -2.52 21.51 8.29
C ASN A 53 -2.51 22.96 7.84
N LYS A 54 -1.44 23.67 8.17
CA LYS A 54 -1.34 25.05 7.75
C LYS A 54 -1.38 25.15 6.24
N HIS A 55 -0.60 24.31 5.56
CA HIS A 55 -0.58 24.34 4.09
C HIS A 55 -1.95 24.13 3.49
N VAL A 56 -2.87 23.50 4.23
CA VAL A 56 -4.19 23.31 3.67
C VAL A 56 -4.99 24.61 3.68
N ILE A 57 -4.77 25.43 4.70
CA ILE A 57 -5.54 26.65 4.81
C ILE A 57 -4.81 27.98 4.55
N ASN A 58 -3.55 27.93 4.14
CA ASN A 58 -2.84 29.19 3.86
C ASN A 58 -3.59 30.07 2.84
N ASP A 59 -3.51 31.39 3.06
CA ASP A 59 -4.14 32.41 2.22
C ASP A 59 -5.57 32.21 1.82
N ALA A 60 -6.38 31.58 2.67
CA ALA A 60 -7.77 31.37 2.30
C ALA A 60 -8.65 32.57 2.63
N ASP A 61 -9.67 32.82 1.81
CA ASP A 61 -10.60 33.92 2.06
C ASP A 61 -11.80 33.37 2.83
N GLN A 62 -12.02 32.06 2.70
CA GLN A 62 -13.10 31.39 3.39
C GLN A 62 -12.70 29.95 3.59
N ILE A 63 -12.86 29.47 4.81
CA ILE A 63 -12.52 28.10 5.14
C ILE A 63 -13.84 27.42 5.44
N ILE A 64 -14.15 26.37 4.70
CA ILE A 64 -15.38 25.60 4.87
C ILE A 64 -15.07 24.25 5.50
N VAL A 65 -15.88 23.86 6.48
CA VAL A 65 -15.70 22.58 7.17
C VAL A 65 -16.99 21.80 7.00
N ALA A 66 -16.88 20.59 6.47
CA ALA A 66 -18.06 19.74 6.29
C ALA A 66 -17.90 18.47 7.13
N LEU A 67 -18.92 18.13 7.90
CA LEU A 67 -18.90 16.94 8.75
C LEU A 67 -19.60 15.79 8.05
N GLN A 68 -19.28 14.57 8.48
CA GLN A 68 -19.91 13.40 7.88
C GLN A 68 -21.41 13.39 8.14
N ASP A 69 -21.89 14.10 9.17
CA ASP A 69 -23.33 14.09 9.43
C ASP A 69 -24.09 15.08 8.57
N GLY A 70 -23.41 15.68 7.60
CA GLY A 70 -24.07 16.61 6.70
C GLY A 70 -24.00 18.09 6.98
N ARG A 71 -23.63 18.47 8.20
CA ARG A 71 -23.55 19.89 8.52
C ARG A 71 -22.34 20.53 7.89
N VAL A 72 -22.49 21.80 7.49
CA VAL A 72 -21.42 22.57 6.86
C VAL A 72 -21.23 23.87 7.62
N PHE A 73 -20.00 24.24 7.92
CA PHE A 73 -19.76 25.48 8.65
C PHE A 73 -18.68 26.30 8.02
N GLU A 74 -18.64 27.58 8.39
CA GLU A 74 -17.59 28.48 7.97
C GLU A 74 -16.70 28.41 9.20
N ALA A 75 -15.40 28.30 8.98
CA ALA A 75 -14.48 28.20 10.10
C ALA A 75 -13.60 29.42 10.22
N LEU A 76 -13.26 29.79 11.45
CA LEU A 76 -12.43 30.93 11.71
C LEU A 76 -11.02 30.38 11.90
N LEU A 77 -10.01 31.10 11.44
CA LEU A 77 -8.64 30.63 11.62
C LEU A 77 -8.15 31.24 12.92
N VAL A 78 -7.92 30.43 13.94
CA VAL A 78 -7.45 31.03 15.17
C VAL A 78 -5.94 31.15 15.20
N GLY A 79 -5.25 30.33 14.42
CA GLY A 79 -3.80 30.41 14.42
C GLY A 79 -3.16 29.28 13.64
N SER A 80 -1.88 29.42 13.31
CA SER A 80 -1.17 28.39 12.57
C SER A 80 0.30 28.42 12.95
N ASP A 81 1.03 27.37 12.59
CA ASP A 81 2.43 27.28 12.94
C ASP A 81 3.27 26.68 11.81
N SER A 82 4.06 27.51 11.16
CA SER A 82 4.91 27.08 10.05
C SER A 82 5.81 25.91 10.41
N LEU A 83 6.52 26.03 11.52
CA LEU A 83 7.42 24.96 11.95
C LEU A 83 6.83 23.56 11.97
N THR A 84 5.59 23.42 12.44
CA THR A 84 4.96 22.11 12.51
C THR A 84 3.92 21.92 11.42
N ASP A 85 3.56 23.00 10.75
CA ASP A 85 2.55 22.96 9.69
C ASP A 85 1.15 22.60 10.23
N LEU A 86 0.84 23.15 11.41
CA LEU A 86 -0.44 22.92 12.06
C LEU A 86 -1.26 24.20 12.08
N ALA A 87 -2.57 24.06 12.01
CA ALA A 87 -3.42 25.23 12.06
C ALA A 87 -4.62 24.82 12.87
N VAL A 88 -5.22 25.78 13.56
CA VAL A 88 -6.38 25.52 14.38
C VAL A 88 -7.51 26.39 13.87
N LEU A 89 -8.64 25.75 13.57
CA LEU A 89 -9.85 26.40 13.09
C LEU A 89 -10.86 26.34 14.21
N LYS A 90 -11.93 27.11 14.06
CA LYS A 90 -12.99 27.12 15.04
C LYS A 90 -14.29 27.40 14.35
N ILE A 91 -15.25 26.50 14.54
CA ILE A 91 -16.56 26.67 13.96
C ILE A 91 -17.48 27.02 15.13
N ASN A 92 -18.63 27.59 14.83
CA ASN A 92 -19.58 27.99 15.86
C ASN A 92 -20.72 27.02 15.76
N ALA A 93 -20.71 25.99 16.60
CA ALA A 93 -21.79 25.03 16.52
C ALA A 93 -22.78 25.04 17.66
N THR A 94 -24.01 24.69 17.32
CA THR A 94 -25.05 24.58 18.30
C THR A 94 -25.48 23.13 18.07
N GLY A 95 -26.21 22.54 19.00
CA GLY A 95 -26.64 21.18 18.77
C GLY A 95 -25.60 20.12 19.04
N GLY A 96 -24.38 20.53 19.37
CA GLY A 96 -23.36 19.54 19.68
C GLY A 96 -22.50 19.12 18.50
N LEU A 97 -21.29 18.68 18.83
CA LEU A 97 -20.32 18.28 17.84
C LEU A 97 -19.67 16.96 18.19
N PRO A 98 -19.32 16.16 17.16
CA PRO A 98 -18.66 14.89 17.42
C PRO A 98 -17.19 15.26 17.68
N THR A 99 -16.54 14.55 18.58
CA THR A 99 -15.15 14.86 18.91
C THR A 99 -14.28 13.62 18.85
N ILE A 100 -13.05 13.80 18.42
CA ILE A 100 -12.14 12.68 18.29
C ILE A 100 -11.66 12.05 19.59
N PRO A 101 -11.67 10.72 19.66
CA PRO A 101 -11.22 10.02 20.86
C PRO A 101 -9.76 10.23 21.11
N ILE A 102 -9.43 10.65 22.33
CA ILE A 102 -8.05 10.86 22.71
C ILE A 102 -7.75 10.15 24.01
N ASN A 103 -6.66 9.41 24.03
CA ASN A 103 -6.24 8.69 25.23
C ASN A 103 -4.85 9.24 25.52
N ALA A 104 -4.78 10.30 26.30
CA ALA A 104 -3.52 10.95 26.62
C ALA A 104 -2.45 10.07 27.26
N ARG A 105 -2.82 8.92 27.80
CA ARG A 105 -1.83 8.04 28.43
C ARG A 105 -1.27 7.00 27.48
N ARG A 106 -1.91 6.86 26.32
CA ARG A 106 -1.47 5.89 25.34
C ARG A 106 -0.15 6.30 24.68
N VAL A 107 0.79 5.37 24.62
CA VAL A 107 2.05 5.67 23.99
C VAL A 107 2.14 4.84 22.69
N PRO A 108 2.21 5.51 21.55
CA PRO A 108 2.29 4.88 20.23
C PRO A 108 3.51 3.98 20.09
N HIS A 109 3.33 2.78 19.54
CA HIS A 109 4.46 1.88 19.34
C HIS A 109 4.67 1.53 17.86
N ILE A 110 5.94 1.43 17.48
CA ILE A 110 6.27 1.07 16.12
C ILE A 110 5.64 -0.30 15.94
N GLY A 111 4.82 -0.48 14.91
CA GLY A 111 4.17 -1.76 14.71
C GLY A 111 2.67 -1.72 15.03
N ASP A 112 2.22 -0.65 15.70
CA ASP A 112 0.80 -0.50 16.01
C ASP A 112 -0.02 -0.35 14.74
N VAL A 113 -1.10 -1.11 14.62
CA VAL A 113 -1.94 -1.01 13.44
C VAL A 113 -2.53 0.39 13.50
N VAL A 114 -2.67 1.04 12.36
CA VAL A 114 -3.16 2.41 12.40
C VAL A 114 -4.08 2.66 11.22
N LEU A 115 -5.01 3.59 11.37
CA LEU A 115 -5.95 3.90 10.29
C LEU A 115 -5.90 5.37 9.96
N ALA A 116 -5.82 5.70 8.68
CA ALA A 116 -5.78 7.09 8.24
C ALA A 116 -7.18 7.45 7.75
N ILE A 117 -7.74 8.53 8.32
CA ILE A 117 -9.06 9.02 7.99
C ILE A 117 -8.93 10.35 7.26
N GLY A 118 -9.52 10.45 6.07
CA GLY A 118 -9.44 11.69 5.32
C GLY A 118 -10.31 11.73 4.06
N ASN A 119 -10.08 12.73 3.23
CA ASN A 119 -10.84 12.93 2.01
C ASN A 119 -9.95 12.93 0.77
N PRO A 120 -9.21 11.85 0.52
CA PRO A 120 -8.35 11.87 -0.68
C PRO A 120 -9.09 12.27 -1.96
N TYR A 121 -8.44 13.10 -2.75
CA TYR A 121 -9.01 13.60 -4.00
C TYR A 121 -10.49 13.95 -3.93
N ASN A 122 -10.98 14.29 -2.75
CA ASN A 122 -12.37 14.68 -2.59
C ASN A 122 -13.38 13.58 -2.96
N LEU A 123 -13.01 12.33 -2.80
CA LEU A 123 -13.92 11.22 -3.12
C LEU A 123 -14.89 11.01 -1.97
N GLY A 124 -14.62 11.66 -0.85
CA GLY A 124 -15.45 11.48 0.31
C GLY A 124 -14.56 10.80 1.34
N GLN A 125 -14.97 10.80 2.59
CA GLN A 125 -14.18 10.20 3.64
C GLN A 125 -13.74 8.78 3.31
N THR A 126 -12.44 8.50 3.41
CA THR A 126 -11.96 7.13 3.18
C THR A 126 -11.04 6.72 4.32
N ILE A 127 -11.02 5.43 4.63
CA ILE A 127 -10.17 4.87 5.69
C ILE A 127 -9.14 3.97 5.04
N THR A 128 -7.87 4.13 5.38
CA THR A 128 -6.82 3.26 4.85
C THR A 128 -6.07 2.72 6.07
N GLN A 129 -5.51 1.51 5.98
CA GLN A 129 -4.81 0.98 7.14
C GLN A 129 -3.37 0.59 6.92
N GLY A 130 -2.58 0.75 7.97
CA GLY A 130 -1.19 0.39 7.93
C GLY A 130 -0.76 0.22 9.38
N ILE A 131 0.52 0.51 9.64
CA ILE A 131 1.07 0.42 10.98
C ILE A 131 1.94 1.63 11.18
N ILE A 132 2.34 1.87 12.41
CA ILE A 132 3.24 2.97 12.71
C ILE A 132 4.61 2.43 12.28
N SER A 133 5.21 3.06 11.29
CA SER A 133 6.48 2.63 10.74
C SER A 133 7.73 3.10 11.48
N ALA A 134 7.62 4.22 12.18
CA ALA A 134 8.75 4.77 12.90
C ALA A 134 8.28 5.98 13.67
N THR A 135 9.14 6.49 14.56
CA THR A 135 8.80 7.66 15.36
C THR A 135 9.99 8.66 15.43
N GLY A 136 9.73 9.87 15.91
CA GLY A 136 10.79 10.87 16.00
C GLY A 136 11.49 11.14 14.68
N ARG A 137 10.71 11.20 13.61
CA ARG A 137 11.22 11.41 12.26
C ARG A 137 11.25 12.86 11.81
N ILE A 138 12.31 13.23 11.10
CA ILE A 138 12.47 14.58 10.58
C ILE A 138 11.51 14.74 9.40
N GLY A 139 11.05 13.60 8.88
CA GLY A 139 10.12 13.61 7.76
C GLY A 139 10.63 14.32 6.52
N LEU A 140 10.58 15.64 6.55
CA LEU A 140 11.02 16.48 5.44
C LEU A 140 12.48 16.22 5.07
N ASN A 141 13.18 17.26 4.63
CA ASN A 141 14.59 17.12 4.24
C ASN A 141 15.56 17.96 5.07
N PRO A 142 15.20 19.23 5.35
CA PRO A 142 16.09 20.08 6.14
C PRO A 142 16.22 19.61 7.59
N THR A 143 15.85 20.50 8.50
CA THR A 143 15.88 20.20 9.93
C THR A 143 14.47 19.92 10.40
N GLY A 144 13.63 20.96 10.40
CA GLY A 144 12.26 20.80 10.85
C GLY A 144 12.20 19.86 12.04
N ARG A 145 13.01 20.15 13.06
CA ARG A 145 13.07 19.33 14.26
C ARG A 145 11.72 19.17 14.93
N GLN A 146 10.78 18.57 14.21
CA GLN A 146 9.43 18.34 14.72
C GLN A 146 9.10 16.87 14.51
N ASN A 147 9.43 16.05 15.50
CA ASN A 147 9.19 14.62 15.44
C ASN A 147 7.93 14.26 14.67
N PHE A 148 8.08 13.34 13.73
CA PHE A 148 6.98 12.89 12.91
C PHE A 148 6.79 11.41 13.13
N LEU A 149 5.55 10.98 13.03
CA LEU A 149 5.22 9.58 13.12
C LEU A 149 5.30 9.16 11.64
N GLN A 150 5.89 8.00 11.33
CA GLN A 150 5.90 7.58 9.93
C GLN A 150 4.95 6.39 9.80
N THR A 151 4.24 6.30 8.68
CA THR A 151 3.30 5.20 8.52
C THR A 151 3.13 4.81 7.07
N ASP A 152 2.75 3.54 6.84
CA ASP A 152 2.51 3.05 5.49
C ASP A 152 1.01 2.97 5.18
N ALA A 153 0.19 3.60 6.01
CA ALA A 153 -1.24 3.64 5.74
C ALA A 153 -1.37 4.61 4.56
N SER A 154 -1.94 4.16 3.45
CA SER A 154 -2.05 5.01 2.27
C SER A 154 -2.60 6.42 2.48
N ILE A 155 -1.79 7.38 2.11
CA ILE A 155 -2.14 8.76 2.28
C ILE A 155 -1.99 9.46 0.92
N ASN A 156 -3.00 10.26 0.56
CA ASN A 156 -3.02 11.00 -0.71
C ASN A 156 -3.48 12.43 -0.52
N HIS A 157 -3.40 13.19 -1.61
CA HIS A 157 -3.84 14.57 -1.60
C HIS A 157 -5.26 14.58 -1.06
N GLY A 158 -5.47 15.37 -0.03
CA GLY A 158 -6.80 15.43 0.56
C GLY A 158 -6.76 14.88 1.98
N ASN A 159 -5.81 14.00 2.26
CA ASN A 159 -5.68 13.42 3.61
C ASN A 159 -5.05 14.36 4.61
N SER A 160 -4.34 15.40 4.12
CA SER A 160 -3.67 16.34 5.01
C SER A 160 -4.60 16.97 6.04
N GLY A 161 -4.14 17.02 7.28
CA GLY A 161 -4.94 17.59 8.34
C GLY A 161 -5.86 16.55 8.97
N GLY A 162 -5.96 15.37 8.34
CA GLY A 162 -6.83 14.33 8.83
C GLY A 162 -6.28 13.48 9.98
N ALA A 163 -7.05 12.49 10.40
CA ALA A 163 -6.67 11.66 11.54
C ALA A 163 -5.98 10.33 11.26
N LEU A 164 -5.07 9.98 12.18
CA LEU A 164 -4.36 8.70 12.16
C LEU A 164 -4.70 8.15 13.56
N VAL A 165 -5.53 7.10 13.62
CA VAL A 165 -5.94 6.50 14.89
C VAL A 165 -5.53 5.03 14.99
N ASN A 166 -5.41 4.48 16.18
CA ASN A 166 -5.06 3.06 16.29
C ASN A 166 -6.34 2.24 16.22
N SER A 167 -6.25 0.94 16.49
CA SER A 167 -7.43 0.07 16.41
C SER A 167 -8.53 0.35 17.44
N LEU A 168 -8.26 1.21 18.42
CA LEU A 168 -9.27 1.55 19.43
C LEU A 168 -9.88 2.90 19.11
N GLY A 169 -9.54 3.44 17.94
CA GLY A 169 -10.08 4.73 17.55
C GLY A 169 -9.39 5.89 18.24
N GLU A 170 -8.29 5.61 18.92
CA GLU A 170 -7.55 6.64 19.63
C GLU A 170 -6.68 7.47 18.69
N LEU A 171 -6.62 8.77 18.91
CA LEU A 171 -5.82 9.64 18.06
C LEU A 171 -4.32 9.44 18.25
N MET A 172 -3.63 9.03 17.18
CA MET A 172 -2.18 8.83 17.20
C MET A 172 -1.49 10.05 16.60
N GLY A 173 -2.10 10.65 15.58
CA GLY A 173 -1.51 11.82 14.98
C GLY A 173 -2.35 12.49 13.91
N ILE A 174 -1.83 13.58 13.36
CA ILE A 174 -2.50 14.32 12.31
C ILE A 174 -1.69 14.06 11.05
N ASN A 175 -2.28 13.43 10.05
CA ASN A 175 -1.54 13.16 8.83
C ASN A 175 -1.17 14.49 8.20
N THR A 176 0.10 14.60 7.78
CA THR A 176 0.57 15.84 7.19
C THR A 176 1.06 15.77 5.75
N LEU A 177 1.70 14.67 5.37
CA LEU A 177 2.14 14.56 3.98
C LEU A 177 2.78 13.25 3.58
N SER A 178 2.67 12.96 2.30
CA SER A 178 3.19 11.73 1.73
C SER A 178 4.55 12.00 1.11
N PHE A 179 5.46 11.05 1.28
CA PHE A 179 6.81 11.16 0.74
C PHE A 179 6.68 11.02 -0.79
N ASP A 180 5.60 11.57 -1.34
CA ASP A 180 5.36 11.52 -2.78
C ASP A 180 6.59 12.06 -3.50
N LYS A 181 7.32 12.92 -2.80
CA LYS A 181 8.50 13.54 -3.38
C LYS A 181 9.78 12.72 -3.32
N SER A 182 10.13 12.16 -4.47
CA SER A 182 11.37 11.42 -4.64
C SER A 182 12.09 12.43 -5.52
N ASN A 183 13.04 13.15 -4.92
CA ASN A 183 13.79 14.19 -5.59
C ASN A 183 14.06 13.98 -7.08
N ASP A 184 13.87 12.75 -7.57
CA ASP A 184 14.14 12.49 -8.98
C ASP A 184 13.66 11.16 -9.55
N GLY A 185 12.54 11.19 -10.27
CA GLY A 185 12.03 9.99 -10.91
C GLY A 185 11.09 9.03 -10.20
N GLU A 186 11.59 8.34 -9.18
CA GLU A 186 10.81 7.34 -8.44
C GLU A 186 9.59 7.85 -7.67
N THR A 187 8.70 6.92 -7.32
CA THR A 187 7.50 7.24 -6.54
C THR A 187 7.48 6.38 -5.29
N PRO A 188 7.86 6.95 -4.15
CA PRO A 188 7.87 6.15 -2.91
C PRO A 188 6.48 5.54 -2.69
N GLU A 189 6.44 4.38 -2.07
CA GLU A 189 5.19 3.70 -1.80
C GLU A 189 5.15 3.44 -0.30
N GLY A 190 4.07 3.87 0.35
CA GLY A 190 3.92 3.61 1.76
C GLY A 190 4.81 4.37 2.73
N ILE A 191 5.13 5.61 2.38
CA ILE A 191 5.92 6.45 3.27
C ILE A 191 5.15 7.73 3.50
N GLY A 192 4.46 7.81 4.62
CA GLY A 192 3.67 8.98 4.94
C GLY A 192 4.01 9.48 6.32
N PHE A 193 3.74 10.75 6.59
CA PHE A 193 4.07 11.28 7.89
C PHE A 193 2.91 11.92 8.60
N ALA A 194 2.99 11.93 9.92
CA ALA A 194 1.91 12.51 10.72
C ALA A 194 2.49 13.10 11.98
N ILE A 195 1.95 14.23 12.40
CA ILE A 195 2.40 14.87 13.61
C ILE A 195 1.77 14.11 14.79
N PRO A 196 2.59 13.67 15.75
CA PRO A 196 2.14 12.92 16.95
C PRO A 196 1.04 13.69 17.70
N PHE A 197 0.02 12.97 18.18
CA PHE A 197 -1.08 13.66 18.86
C PHE A 197 -0.66 14.55 20.02
N GLN A 198 0.28 14.11 20.86
CA GLN A 198 0.71 14.92 21.99
C GLN A 198 1.29 16.27 21.52
N LEU A 199 2.07 16.25 20.44
CA LEU A 199 2.64 17.49 19.94
C LEU A 199 1.50 18.32 19.35
N ALA A 200 0.63 17.66 18.57
CA ALA A 200 -0.50 18.35 17.96
C ALA A 200 -1.28 19.11 19.04
N THR A 201 -1.61 18.42 20.13
CA THR A 201 -2.35 19.01 21.23
C THR A 201 -1.65 20.20 21.92
N LYS A 202 -0.36 20.07 22.20
CA LYS A 202 0.38 21.17 22.83
C LYS A 202 0.38 22.38 21.90
N ILE A 203 0.59 22.14 20.61
CA ILE A 203 0.57 23.23 19.64
C ILE A 203 -0.81 23.90 19.66
N MET A 204 -1.86 23.09 19.64
CA MET A 204 -3.21 23.61 19.63
C MET A 204 -3.54 24.51 20.81
N ASP A 205 -3.26 24.06 22.02
CA ASP A 205 -3.54 24.87 23.20
C ASP A 205 -2.79 26.21 23.18
N LYS A 206 -1.57 26.22 22.63
CA LYS A 206 -0.77 27.43 22.55
C LYS A 206 -1.36 28.38 21.52
N LEU A 207 -1.90 27.80 20.43
CA LEU A 207 -2.51 28.59 19.37
C LEU A 207 -3.83 29.18 19.83
N ILE A 208 -4.56 28.43 20.64
CA ILE A 208 -5.84 28.92 21.14
C ILE A 208 -5.58 30.04 22.13
N ARG A 209 -4.55 29.86 22.96
CA ARG A 209 -4.21 30.86 23.96
C ARG A 209 -3.54 32.13 23.43
N ASP A 210 -2.42 31.98 22.73
CA ASP A 210 -1.71 33.14 22.21
C ASP A 210 -2.04 33.49 20.77
N GLY A 211 -2.63 32.57 20.02
CA GLY A 211 -2.95 32.85 18.63
C GLY A 211 -1.73 32.67 17.75
N ARG A 212 -0.69 32.10 18.34
CA ARG A 212 0.58 31.84 17.66
C ARG A 212 1.46 31.10 18.65
N VAL A 213 2.36 30.26 18.15
CA VAL A 213 3.22 29.52 19.05
C VAL A 213 4.48 30.32 19.35
N ILE A 214 4.53 30.86 20.57
CA ILE A 214 5.66 31.65 21.02
C ILE A 214 6.83 30.75 21.42
N ARG A 215 7.93 30.88 20.70
CA ARG A 215 9.12 30.08 20.99
C ARG A 215 10.29 30.94 21.48
N GLY A 216 11.23 30.30 22.17
CA GLY A 216 12.39 31.00 22.69
C GLY A 216 13.59 31.00 21.77
N TYR A 217 13.98 32.19 21.32
CA TYR A 217 15.11 32.36 20.41
C TYR A 217 16.26 32.99 21.19
N ILE A 218 17.34 32.24 21.38
CA ILE A 218 18.50 32.76 22.11
C ILE A 218 19.25 33.79 21.27
N GLY A 219 19.66 33.40 20.06
CA GLY A 219 20.35 34.34 19.20
C GLY A 219 21.52 33.77 18.42
N ILE A 220 21.49 32.47 18.15
CA ILE A 220 22.58 31.82 17.40
C ILE A 220 22.03 30.79 16.42
N GLY A 221 22.91 30.26 15.59
CA GLY A 221 22.51 29.24 14.61
C GLY A 221 23.51 28.11 14.59
N GLY A 222 23.55 27.37 13.48
CA GLY A 222 24.48 26.27 13.35
C GLY A 222 23.84 24.90 13.44
N ILE A 241 25.39 20.30 22.11
CA ILE A 241 26.67 20.09 21.46
C ILE A 241 27.43 21.43 21.36
N VAL A 242 27.75 21.85 20.14
CA VAL A 242 28.48 23.10 19.91
C VAL A 242 27.70 24.09 19.05
N VAL A 243 28.08 25.36 19.15
CA VAL A 243 27.45 26.43 18.39
C VAL A 243 28.40 26.95 17.32
N ASN A 244 27.84 27.32 16.16
CA ASN A 244 28.64 27.84 15.05
C ASN A 244 27.80 28.02 13.80
N GLU A 245 27.83 29.22 13.22
CA GLU A 245 27.05 29.51 12.02
C GLU A 245 27.90 29.80 10.80
N VAL A 246 27.50 29.23 9.66
CA VAL A 246 28.22 29.44 8.41
C VAL A 246 27.93 30.86 7.93
N SER A 247 26.90 31.46 8.52
CA SER A 247 26.49 32.83 8.19
C SER A 247 26.18 33.58 9.49
N PRO A 248 26.45 34.89 9.53
CA PRO A 248 26.23 35.81 10.66
C PRO A 248 25.28 35.37 11.79
N ASP A 249 25.67 35.68 13.02
CA ASP A 249 24.88 35.34 14.22
C ASP A 249 23.82 36.39 14.55
N GLY A 250 22.93 36.04 15.47
CA GLY A 250 21.87 36.94 15.88
C GLY A 250 22.29 37.93 16.96
N PRO A 251 21.46 38.94 17.24
CA PRO A 251 21.72 39.97 18.25
C PRO A 251 21.73 39.51 19.70
N ALA A 252 20.60 38.92 20.14
CA ALA A 252 20.44 38.45 21.52
C ALA A 252 21.55 37.56 22.08
N ALA A 253 22.62 37.39 21.31
CA ALA A 253 23.76 36.58 21.74
C ALA A 253 24.85 37.47 22.34
N ASN A 254 24.48 38.70 22.68
CA ASN A 254 25.42 39.65 23.26
C ASN A 254 25.11 39.88 24.74
N ALA A 255 24.65 38.83 25.41
CA ALA A 255 24.33 38.92 26.83
C ALA A 255 25.52 38.47 27.68
N GLY A 256 25.76 37.17 27.72
CA GLY A 256 26.86 36.65 28.51
C GLY A 256 27.38 35.34 27.96
N ILE A 257 27.79 35.35 26.69
CA ILE A 257 28.32 34.15 26.03
C ILE A 257 29.45 34.50 25.06
N GLN A 258 30.30 33.52 24.78
CA GLN A 258 31.44 33.69 23.87
C GLN A 258 31.01 33.84 22.41
N VAL A 259 31.67 33.11 21.51
CA VAL A 259 31.36 33.16 20.09
C VAL A 259 30.99 31.81 19.50
N ASN A 260 31.98 30.96 19.25
CA ASN A 260 31.74 29.64 18.69
C ASN A 260 32.15 28.51 19.63
N ASP A 261 31.29 28.18 20.59
CA ASP A 261 31.60 27.12 21.54
C ASP A 261 30.38 26.30 21.95
N LEU A 262 30.62 25.28 22.78
CA LEU A 262 29.57 24.40 23.28
C LEU A 262 28.82 25.07 24.42
N ILE A 263 28.42 24.26 25.40
CA ILE A 263 27.70 24.73 26.58
C ILE A 263 27.03 23.52 27.24
N ILE A 264 26.81 23.60 28.55
CA ILE A 264 26.19 22.49 29.27
C ILE A 264 24.87 22.83 29.96
N SER A 265 24.95 23.44 31.15
CA SER A 265 23.75 23.80 31.89
C SER A 265 23.15 25.15 31.50
N VAL A 266 21.92 25.11 31.00
CA VAL A 266 21.21 26.31 30.59
C VAL A 266 19.86 26.30 31.31
N ASP A 267 19.81 26.99 32.45
CA ASP A 267 18.62 27.07 33.29
C ASP A 267 18.57 25.88 34.25
N ASN A 268 19.73 25.60 34.86
CA ASN A 268 19.87 24.48 35.81
C ASN A 268 19.41 23.15 35.24
N LYS A 269 20.22 22.59 34.35
CA LYS A 269 19.92 21.29 33.73
C LYS A 269 21.06 20.93 32.79
N PRO A 270 21.37 19.63 32.65
CA PRO A 270 22.46 19.20 31.77
C PRO A 270 22.21 19.54 30.29
N ALA A 271 23.29 19.71 29.54
CA ALA A 271 23.18 20.02 28.12
C ALA A 271 22.49 18.91 27.36
N THR A 277 17.97 19.74 24.19
CA THR A 277 18.22 21.14 24.52
C THR A 277 17.62 22.07 23.47
N MET A 278 17.70 21.65 22.21
CA MET A 278 17.15 22.43 21.11
C MET A 278 15.75 22.93 21.45
N ASP A 279 14.81 22.00 21.59
CA ASP A 279 13.44 22.35 21.90
C ASP A 279 13.25 22.79 23.35
N GLN A 280 14.37 23.01 24.04
CA GLN A 280 14.32 23.47 25.42
C GLN A 280 14.34 25.00 25.42
N VAL A 281 15.21 25.55 24.56
CA VAL A 281 15.37 26.99 24.40
C VAL A 281 14.04 27.64 24.03
N ALA A 282 13.38 27.08 23.02
CA ALA A 282 12.11 27.59 22.53
C ALA A 282 10.99 27.55 23.55
N GLU A 283 11.03 26.59 24.47
CA GLU A 283 9.99 26.45 25.47
C GLU A 283 10.02 27.49 26.60
N ILE A 284 11.14 28.20 26.74
CA ILE A 284 11.26 29.21 27.79
C ILE A 284 10.74 30.57 27.35
N ARG A 285 9.75 31.08 28.08
CA ARG A 285 9.15 32.38 27.77
C ARG A 285 10.17 33.48 27.53
N PRO A 286 9.91 34.34 26.53
CA PRO A 286 10.83 35.44 26.23
C PRO A 286 10.78 36.49 27.33
N GLY A 287 11.96 36.99 27.72
CA GLY A 287 12.02 38.00 28.77
C GLY A 287 12.61 37.48 30.07
N SER A 288 12.63 36.17 30.24
CA SER A 288 13.17 35.57 31.45
C SER A 288 14.69 35.44 31.35
N VAL A 289 15.40 35.94 32.36
CA VAL A 289 16.86 35.85 32.38
C VAL A 289 17.28 34.43 32.74
N ILE A 290 18.06 33.82 31.87
CA ILE A 290 18.50 32.44 32.07
C ILE A 290 20.01 32.29 32.24
N PRO A 291 20.44 31.37 33.12
CA PRO A 291 21.85 31.11 33.38
C PRO A 291 22.49 30.12 32.39
N VAL A 292 23.41 30.61 31.58
CA VAL A 292 24.11 29.77 30.59
C VAL A 292 25.55 29.55 31.04
N VAL A 293 26.06 28.33 30.89
CA VAL A 293 27.42 28.01 31.30
C VAL A 293 28.34 27.62 30.13
N VAL A 294 29.37 28.43 29.90
CA VAL A 294 30.33 28.19 28.83
C VAL A 294 29.66 28.27 27.45
N LEU A 303 26.78 35.04 34.06
CA LEU A 303 26.15 34.13 33.12
C LEU A 303 24.62 34.32 33.11
N GLN A 304 24.15 35.27 32.30
CA GLN A 304 22.73 35.55 32.20
C GLN A 304 22.35 36.02 30.81
N VAL A 305 21.32 35.41 30.23
CA VAL A 305 20.85 35.78 28.90
C VAL A 305 19.33 35.95 28.92
N THR A 306 18.82 36.87 28.10
CA THR A 306 17.39 37.11 28.02
C THR A 306 16.84 36.50 26.73
N ILE A 307 15.84 35.66 26.87
CA ILE A 307 15.22 35.00 25.73
C ILE A 307 14.25 35.91 24.98
N GLN A 308 14.31 35.85 23.65
CA GLN A 308 13.42 36.63 22.79
C GLN A 308 12.52 35.66 22.05
N GLU A 309 11.37 36.16 21.56
CA GLU A 309 10.47 35.30 20.82
C GLU A 309 11.08 34.98 19.47
N TYR A 310 11.16 33.70 19.16
CA TYR A 310 11.72 33.24 17.88
C TYR A 310 11.21 34.15 16.76
N PRO A 311 12.13 34.83 16.06
CA PRO A 311 11.74 35.72 14.98
C PRO A 311 11.27 34.94 13.76
N MET B 1 3.62 -19.22 20.23
CA MET B 1 2.46 -18.61 19.51
C MET B 1 2.36 -19.10 18.08
N THR B 2 1.38 -18.56 17.38
CA THR B 2 1.12 -18.89 15.99
C THR B 2 1.12 -17.57 15.17
N PRO B 3 1.73 -17.58 13.97
CA PRO B 3 1.81 -16.38 13.13
C PRO B 3 0.44 -15.87 12.66
N ALA B 4 0.22 -14.55 12.73
CA ALA B 4 -1.04 -13.99 12.31
C ALA B 4 -1.16 -14.28 10.84
N SER B 5 -2.33 -14.77 10.41
CA SER B 5 -2.50 -15.11 9.02
C SER B 5 -3.92 -15.14 8.47
N TYR B 6 -4.06 -14.82 7.19
CA TYR B 6 -5.35 -14.84 6.52
C TYR B 6 -5.31 -15.99 5.53
N ASN B 7 -4.46 -16.98 5.84
CA ASN B 7 -4.35 -18.14 4.96
C ASN B 7 -5.68 -18.89 4.84
N LEU B 8 -6.52 -18.83 5.88
CA LEU B 8 -7.82 -19.50 5.86
C LEU B 8 -8.64 -18.95 4.70
N ALA B 9 -8.76 -17.62 4.66
CA ALA B 9 -9.52 -16.96 3.60
C ALA B 9 -8.92 -17.34 2.26
N VAL B 10 -7.59 -17.43 2.20
CA VAL B 10 -6.94 -17.79 0.94
C VAL B 10 -7.32 -19.21 0.50
N ARG B 11 -7.21 -20.17 1.43
CA ARG B 11 -7.53 -21.56 1.10
C ARG B 11 -8.98 -21.71 0.66
N ARG B 12 -9.89 -20.99 1.32
CA ARG B 12 -11.31 -21.05 0.99
C ARG B 12 -11.72 -20.37 -0.33
N ALA B 13 -11.14 -19.22 -0.63
CA ALA B 13 -11.52 -18.49 -1.83
C ALA B 13 -10.61 -18.51 -3.06
N ALA B 14 -9.31 -18.41 -2.88
CA ALA B 14 -8.38 -18.36 -4.01
C ALA B 14 -8.60 -19.43 -5.08
N PRO B 15 -8.95 -20.67 -4.67
CA PRO B 15 -9.17 -21.72 -5.65
C PRO B 15 -10.23 -21.40 -6.70
N ALA B 16 -11.20 -20.56 -6.33
CA ALA B 16 -12.25 -20.21 -7.28
C ALA B 16 -11.91 -19.01 -8.15
N VAL B 17 -10.82 -18.31 -7.86
CA VAL B 17 -10.45 -17.16 -8.68
C VAL B 17 -9.60 -17.68 -9.84
N VAL B 18 -10.06 -17.42 -11.05
CA VAL B 18 -9.39 -17.90 -12.26
C VAL B 18 -8.73 -16.80 -13.07
N ASN B 19 -7.87 -17.18 -14.02
CA ASN B 19 -7.18 -16.24 -14.88
C ASN B 19 -7.93 -16.19 -16.21
N VAL B 20 -8.30 -15.00 -16.64
CA VAL B 20 -9.04 -14.82 -17.89
C VAL B 20 -8.15 -14.26 -18.99
N TYR B 21 -8.25 -14.82 -20.21
CA TYR B 21 -7.45 -14.35 -21.34
C TYR B 21 -8.31 -14.00 -22.54
N ASN B 22 -8.28 -12.73 -22.92
CA ASN B 22 -9.04 -12.22 -24.06
C ASN B 22 -8.19 -12.27 -25.34
N ARG B 23 -8.21 -13.40 -26.04
CA ARG B 23 -7.42 -13.53 -27.26
C ARG B 23 -8.15 -13.03 -28.50
N GLY B 24 -7.38 -12.44 -29.41
CA GLY B 24 -7.95 -11.92 -30.64
C GLY B 24 -7.15 -12.28 -31.88
N LEU B 25 -7.87 -12.57 -32.97
CA LEU B 25 -7.27 -12.94 -34.25
C LEU B 25 -6.10 -12.03 -34.62
N GLN B 32 -3.60 -15.26 -36.69
CA GLN B 32 -3.66 -16.17 -35.56
C GLN B 32 -4.25 -15.49 -34.32
N LEU B 33 -4.67 -16.31 -33.35
CA LEU B 33 -5.24 -15.81 -32.10
C LEU B 33 -4.15 -15.39 -31.13
N GLU B 34 -4.19 -14.13 -30.71
CA GLU B 34 -3.20 -13.58 -29.79
C GLU B 34 -3.87 -12.94 -28.58
N ILE B 35 -3.22 -13.05 -27.42
CA ILE B 35 -3.74 -12.48 -26.18
C ILE B 35 -3.83 -10.96 -26.30
N ARG B 36 -5.04 -10.42 -26.16
CA ARG B 36 -5.24 -8.97 -26.25
C ARG B 36 -5.24 -8.35 -24.86
N THR B 37 -5.73 -9.09 -23.87
CA THR B 37 -5.77 -8.61 -22.51
C THR B 37 -5.87 -9.75 -21.50
N LEU B 38 -5.38 -9.50 -20.29
CA LEU B 38 -5.43 -10.48 -19.22
C LEU B 38 -6.47 -9.97 -18.25
N GLY B 39 -6.84 -10.81 -17.29
CA GLY B 39 -7.81 -10.42 -16.30
C GLY B 39 -8.08 -11.57 -15.37
N SER B 40 -9.04 -11.39 -14.47
CA SER B 40 -9.39 -12.44 -13.53
C SER B 40 -10.87 -12.71 -13.65
N GLY B 41 -11.32 -13.72 -12.91
CA GLY B 41 -12.72 -14.09 -12.93
C GLY B 41 -13.00 -14.88 -11.69
N VAL B 42 -14.27 -14.93 -11.30
CA VAL B 42 -14.67 -15.66 -10.10
C VAL B 42 -15.72 -16.72 -10.45
N ILE B 43 -15.46 -17.96 -10.04
CA ILE B 43 -16.38 -19.04 -10.29
C ILE B 43 -17.46 -18.89 -9.23
N MET B 44 -18.68 -18.57 -9.69
CA MET B 44 -19.82 -18.34 -8.82
C MET B 44 -20.58 -19.57 -8.30
N ASP B 45 -20.64 -20.61 -9.12
CA ASP B 45 -21.35 -21.85 -8.74
C ASP B 45 -20.89 -23.06 -9.55
N GLN B 46 -21.37 -24.24 -9.17
CA GLN B 46 -21.03 -25.49 -9.84
C GLN B 46 -21.39 -25.60 -11.33
N ARG B 47 -22.42 -24.88 -11.76
CA ARG B 47 -22.84 -24.95 -13.15
C ARG B 47 -21.71 -24.47 -14.04
N GLY B 48 -20.77 -23.73 -13.46
CA GLY B 48 -19.65 -23.21 -14.24
C GLY B 48 -19.80 -21.77 -14.66
N TYR B 49 -20.63 -21.00 -13.96
CA TYR B 49 -20.81 -19.59 -14.29
C TYR B 49 -19.71 -18.77 -13.62
N ILE B 50 -19.13 -17.87 -14.39
CA ILE B 50 -18.02 -17.03 -13.94
C ILE B 50 -18.25 -15.54 -14.17
N ILE B 51 -18.03 -14.73 -13.13
CA ILE B 51 -18.17 -13.27 -13.28
C ILE B 51 -16.78 -12.70 -13.54
N THR B 52 -16.75 -11.65 -14.35
CA THR B 52 -15.53 -10.94 -14.68
C THR B 52 -15.96 -9.58 -15.18
N ASN B 53 -14.99 -8.73 -15.47
CA ASN B 53 -15.30 -7.39 -15.96
C ASN B 53 -15.53 -7.41 -17.45
N LYS B 54 -16.53 -6.68 -17.91
CA LYS B 54 -16.81 -6.61 -19.33
C LYS B 54 -15.61 -6.01 -20.04
N HIS B 55 -14.96 -5.03 -19.42
CA HIS B 55 -13.81 -4.42 -20.07
C HIS B 55 -12.71 -5.44 -20.31
N VAL B 56 -12.76 -6.56 -19.59
CA VAL B 56 -11.73 -7.59 -19.76
C VAL B 56 -11.94 -8.49 -20.98
N ILE B 57 -13.20 -8.84 -21.26
CA ILE B 57 -13.51 -9.73 -22.36
C ILE B 57 -14.04 -9.08 -23.62
N ASN B 58 -14.07 -7.75 -23.66
CA ASN B 58 -14.54 -7.04 -24.85
C ASN B 58 -13.74 -7.44 -26.08
N ASP B 59 -14.38 -7.35 -27.24
CA ASP B 59 -13.75 -7.68 -28.52
C ASP B 59 -12.85 -8.92 -28.47
N ALA B 60 -13.28 -9.95 -27.74
CA ALA B 60 -12.51 -11.16 -27.65
C ALA B 60 -12.96 -12.11 -28.74
N ASP B 61 -12.01 -12.70 -29.46
CA ASP B 61 -12.38 -13.66 -30.50
C ASP B 61 -12.54 -15.02 -29.81
N GLN B 62 -11.75 -15.22 -28.76
CA GLN B 62 -11.83 -16.44 -27.96
C GLN B 62 -11.42 -16.13 -26.53
N ILE B 63 -12.23 -16.55 -25.57
CA ILE B 63 -11.96 -16.32 -24.16
C ILE B 63 -11.55 -17.62 -23.49
N ILE B 64 -10.44 -17.60 -22.78
CA ILE B 64 -9.94 -18.80 -22.10
C ILE B 64 -9.87 -18.57 -20.60
N VAL B 65 -10.26 -19.59 -19.84
CA VAL B 65 -10.26 -19.53 -18.39
C VAL B 65 -9.33 -20.61 -17.86
N ALA B 66 -8.44 -20.25 -16.95
CA ALA B 66 -7.51 -21.23 -16.38
C ALA B 66 -7.63 -21.29 -14.86
N LEU B 67 -7.98 -22.45 -14.32
CA LEU B 67 -8.11 -22.60 -12.89
C LEU B 67 -6.74 -22.77 -12.27
N GLN B 68 -6.66 -22.60 -10.95
CA GLN B 68 -5.40 -22.75 -10.25
C GLN B 68 -4.99 -24.21 -10.20
N ASP B 69 -5.95 -25.12 -10.36
CA ASP B 69 -5.63 -26.53 -10.32
C ASP B 69 -5.04 -27.06 -11.61
N GLY B 70 -4.83 -26.17 -12.59
CA GLY B 70 -4.21 -26.60 -13.82
C GLY B 70 -5.14 -26.68 -15.01
N ARG B 71 -6.42 -26.93 -14.76
CA ARG B 71 -7.37 -27.02 -15.85
C ARG B 71 -7.47 -25.72 -16.63
N VAL B 72 -7.80 -25.84 -17.90
CA VAL B 72 -7.95 -24.70 -18.79
C VAL B 72 -9.15 -25.00 -19.67
N PHE B 73 -10.05 -24.03 -19.82
CA PHE B 73 -11.24 -24.23 -20.63
C PHE B 73 -11.45 -23.06 -21.58
N GLU B 74 -12.21 -23.32 -22.63
CA GLU B 74 -12.55 -22.25 -23.55
C GLU B 74 -13.87 -21.88 -22.91
N ALA B 75 -14.20 -20.59 -22.86
CA ALA B 75 -15.43 -20.21 -22.22
C ALA B 75 -16.40 -19.53 -23.14
N LEU B 76 -17.67 -19.62 -22.74
CA LEU B 76 -18.78 -19.03 -23.47
C LEU B 76 -19.17 -17.71 -22.81
N LEU B 77 -19.31 -16.66 -23.62
CA LEU B 77 -19.70 -15.35 -23.12
C LEU B 77 -21.22 -15.34 -23.05
N VAL B 78 -21.79 -15.50 -21.87
CA VAL B 78 -23.24 -15.50 -21.80
C VAL B 78 -23.79 -14.09 -21.83
N GLY B 79 -23.04 -13.13 -21.31
CA GLY B 79 -23.50 -11.74 -21.30
C GLY B 79 -22.57 -10.72 -20.66
N SER B 80 -22.84 -9.44 -20.92
CA SER B 80 -22.04 -8.34 -20.36
C SER B 80 -22.91 -7.09 -20.16
N ASP B 81 -22.48 -6.21 -19.26
CA ASP B 81 -23.25 -5.00 -18.98
C ASP B 81 -22.28 -3.82 -18.87
N SER B 82 -22.45 -2.83 -19.75
CA SER B 82 -21.60 -1.64 -19.75
C SER B 82 -21.73 -0.83 -18.48
N LEU B 83 -22.98 -0.50 -18.12
CA LEU B 83 -23.22 0.28 -16.93
C LEU B 83 -22.45 -0.23 -15.72
N THR B 84 -22.50 -1.54 -15.48
CA THR B 84 -21.80 -2.09 -14.32
C THR B 84 -20.45 -2.67 -14.65
N ASP B 85 -20.10 -2.69 -15.93
CA ASP B 85 -18.83 -3.26 -16.37
C ASP B 85 -18.70 -4.70 -15.90
N LEU B 86 -19.80 -5.45 -16.01
CA LEU B 86 -19.80 -6.86 -15.60
C LEU B 86 -20.05 -7.78 -16.79
N ALA B 87 -19.47 -8.97 -16.72
CA ALA B 87 -19.65 -9.96 -17.77
C ALA B 87 -19.74 -11.33 -17.13
N VAL B 88 -20.54 -12.21 -17.73
CA VAL B 88 -20.69 -13.56 -17.21
C VAL B 88 -20.22 -14.58 -18.24
N LEU B 89 -19.40 -15.51 -17.79
CA LEU B 89 -18.85 -16.56 -18.64
C LEU B 89 -19.41 -17.91 -18.21
N LYS B 90 -19.18 -18.93 -19.03
CA LYS B 90 -19.64 -20.28 -18.74
C LYS B 90 -18.61 -21.27 -19.26
N ILE B 91 -18.28 -22.27 -18.44
CA ILE B 91 -17.35 -23.32 -18.82
C ILE B 91 -18.06 -24.61 -18.45
N ASN B 92 -17.81 -25.67 -19.21
CA ASN B 92 -18.47 -26.94 -18.94
C ASN B 92 -17.56 -28.00 -18.35
N ALA B 93 -17.23 -27.85 -17.08
CA ALA B 93 -16.39 -28.81 -16.40
C ALA B 93 -17.25 -30.04 -16.12
N THR B 94 -16.63 -31.12 -15.64
CA THR B 94 -17.39 -32.33 -15.34
C THR B 94 -17.00 -32.94 -14.01
N GLY B 95 -15.74 -32.74 -13.60
CA GLY B 95 -15.28 -33.32 -12.35
C GLY B 95 -15.42 -32.44 -11.14
N GLY B 96 -16.35 -31.49 -11.20
CA GLY B 96 -16.54 -30.59 -10.07
C GLY B 96 -15.68 -29.34 -10.21
N LEU B 97 -16.19 -28.23 -9.72
CA LEU B 97 -15.46 -26.98 -9.80
C LEU B 97 -15.35 -26.31 -8.44
N PRO B 98 -14.28 -25.56 -8.23
CA PRO B 98 -14.12 -24.87 -6.94
C PRO B 98 -14.99 -23.61 -7.07
N THR B 99 -15.74 -23.27 -6.04
CA THR B 99 -16.56 -22.08 -6.12
C THR B 99 -16.26 -21.12 -4.97
N ILE B 100 -16.51 -19.84 -5.22
CA ILE B 100 -16.25 -18.78 -4.26
C ILE B 100 -17.29 -18.78 -3.12
N PRO B 101 -16.83 -18.68 -1.87
CA PRO B 101 -17.80 -18.66 -0.78
C PRO B 101 -18.67 -17.41 -0.88
N ILE B 102 -19.96 -17.54 -0.67
CA ILE B 102 -20.85 -16.40 -0.70
C ILE B 102 -21.82 -16.44 0.48
N ASN B 103 -21.83 -15.37 1.26
CA ASN B 103 -22.71 -15.26 2.43
C ASN B 103 -23.60 -14.07 2.14
N ALA B 104 -24.80 -14.35 1.63
CA ALA B 104 -25.75 -13.30 1.25
C ALA B 104 -26.29 -12.45 2.39
N ARG B 105 -26.18 -12.95 3.62
CA ARG B 105 -26.67 -12.21 4.77
C ARG B 105 -25.62 -11.27 5.36
N ARG B 106 -24.37 -11.46 4.94
CA ARG B 106 -23.30 -10.63 5.45
C ARG B 106 -23.27 -9.24 4.84
N VAL B 107 -23.16 -8.24 5.70
CA VAL B 107 -23.10 -6.87 5.23
C VAL B 107 -21.71 -6.29 5.51
N PRO B 108 -20.99 -5.93 4.45
CA PRO B 108 -19.63 -5.37 4.51
C PRO B 108 -19.60 -4.09 5.33
N HIS B 109 -18.56 -3.93 6.14
CA HIS B 109 -18.46 -2.72 6.92
C HIS B 109 -17.16 -2.01 6.60
N ILE B 110 -17.17 -0.69 6.71
CA ILE B 110 -15.97 0.09 6.48
C ILE B 110 -14.97 -0.35 7.54
N GLY B 111 -13.77 -0.74 7.12
CA GLY B 111 -12.79 -1.21 8.07
C GLY B 111 -12.63 -2.72 8.08
N ASP B 112 -13.55 -3.43 7.45
CA ASP B 112 -13.43 -4.89 7.42
C ASP B 112 -12.14 -5.19 6.65
N VAL B 113 -11.41 -6.21 7.06
CA VAL B 113 -10.19 -6.58 6.39
C VAL B 113 -10.53 -7.33 5.11
N VAL B 114 -9.86 -6.98 4.01
CA VAL B 114 -10.13 -7.67 2.77
C VAL B 114 -8.89 -8.15 2.05
N LEU B 115 -9.10 -9.12 1.16
CA LEU B 115 -8.03 -9.70 0.38
C LEU B 115 -8.41 -9.57 -1.10
N ALA B 116 -7.49 -9.03 -1.90
CA ALA B 116 -7.73 -8.90 -3.34
C ALA B 116 -7.03 -10.12 -3.90
N ILE B 117 -7.75 -10.87 -4.72
CA ILE B 117 -7.24 -12.09 -5.32
C ILE B 117 -7.28 -11.95 -6.84
N GLY B 118 -6.11 -11.97 -7.46
CA GLY B 118 -6.08 -11.86 -8.91
C GLY B 118 -4.76 -12.25 -9.56
N ASN B 119 -4.63 -11.92 -10.83
CA ASN B 119 -3.44 -12.25 -11.61
C ASN B 119 -2.78 -10.96 -12.17
N PRO B 120 -2.14 -10.19 -11.29
CA PRO B 120 -1.44 -8.93 -11.59
C PRO B 120 -0.30 -9.10 -12.58
N TYR B 121 -0.32 -8.36 -13.67
CA TYR B 121 0.76 -8.45 -14.66
C TYR B 121 1.10 -9.87 -15.08
N ASN B 122 0.15 -10.77 -14.95
CA ASN B 122 0.35 -12.17 -15.33
C ASN B 122 1.48 -12.88 -14.58
N LEU B 123 1.82 -12.38 -13.39
CA LEU B 123 2.86 -13.00 -12.58
C LEU B 123 2.35 -14.29 -11.96
N GLY B 124 1.04 -14.46 -12.00
CA GLY B 124 0.42 -15.64 -11.41
C GLY B 124 -0.50 -15.10 -10.32
N GLN B 125 -1.37 -15.96 -9.77
CA GLN B 125 -2.30 -15.51 -8.75
C GLN B 125 -1.60 -14.90 -7.55
N THR B 126 -2.02 -13.71 -7.15
CA THR B 126 -1.44 -13.08 -5.99
C THR B 126 -2.57 -12.57 -5.08
N ILE B 127 -2.30 -12.54 -3.78
CA ILE B 127 -3.26 -12.08 -2.76
C ILE B 127 -2.69 -10.80 -2.14
N THR B 128 -3.51 -9.75 -2.04
CA THR B 128 -3.05 -8.51 -1.39
C THR B 128 -4.10 -8.20 -0.31
N GLN B 129 -3.71 -7.59 0.81
CA GLN B 129 -4.70 -7.26 1.82
C GLN B 129 -4.79 -5.79 2.19
N GLY B 130 -6.00 -5.38 2.51
CA GLY B 130 -6.26 -4.01 2.92
C GLY B 130 -7.53 -4.09 3.74
N ILE B 131 -8.33 -3.04 3.66
CA ILE B 131 -9.61 -2.96 4.33
C ILE B 131 -10.61 -2.32 3.37
N ILE B 132 -11.89 -2.37 3.73
CA ILE B 132 -12.90 -1.72 2.93
C ILE B 132 -12.77 -0.27 3.40
N SER B 133 -12.36 0.60 2.48
CA SER B 133 -12.16 2.00 2.74
C SER B 133 -13.42 2.84 2.76
N ALA B 134 -14.44 2.41 2.00
CA ALA B 134 -15.70 3.12 1.88
C ALA B 134 -16.70 2.30 1.07
N THR B 135 -17.98 2.65 1.14
CA THR B 135 -19.02 1.94 0.42
C THR B 135 -19.88 2.98 -0.27
N GLY B 136 -20.71 2.56 -1.22
CA GLY B 136 -21.59 3.49 -1.94
C GLY B 136 -20.88 4.59 -2.70
N ARG B 137 -19.75 4.27 -3.31
CA ARG B 137 -18.94 5.23 -4.06
C ARG B 137 -19.24 5.18 -5.56
N ILE B 138 -19.36 6.33 -6.23
CA ILE B 138 -19.65 6.31 -7.66
C ILE B 138 -18.44 5.88 -8.49
N GLY B 139 -17.29 5.75 -7.83
CA GLY B 139 -16.10 5.28 -8.51
C GLY B 139 -15.11 6.27 -9.10
N LEU B 140 -14.51 5.86 -10.21
CA LEU B 140 -13.50 6.65 -10.91
C LEU B 140 -14.02 7.91 -11.61
N ASN B 141 -15.28 7.89 -12.05
CA ASN B 141 -15.83 9.05 -12.75
C ASN B 141 -17.29 9.36 -12.40
N PRO B 142 -17.56 10.58 -11.90
CA PRO B 142 -18.90 11.03 -11.53
C PRO B 142 -19.82 11.14 -12.75
N THR B 143 -20.97 11.78 -12.58
CA THR B 143 -21.94 11.94 -13.67
C THR B 143 -22.13 10.58 -14.33
N GLY B 144 -22.67 9.66 -13.56
CA GLY B 144 -22.90 8.30 -14.00
C GLY B 144 -22.59 7.48 -12.77
N ARG B 145 -23.33 7.78 -11.70
CA ARG B 145 -23.14 7.12 -10.42
C ARG B 145 -23.39 5.63 -10.40
N GLN B 146 -22.86 4.97 -9.38
CA GLN B 146 -23.01 3.55 -9.19
C GLN B 146 -22.81 3.27 -7.70
N ASN B 147 -22.70 2.01 -7.35
CA ASN B 147 -22.50 1.62 -5.97
C ASN B 147 -21.20 0.84 -5.98
N PHE B 148 -20.11 1.51 -5.60
CA PHE B 148 -18.80 0.88 -5.58
C PHE B 148 -18.26 0.70 -4.19
N LEU B 149 -17.42 -0.29 -4.04
CA LEU B 149 -16.79 -0.56 -2.78
C LEU B 149 -15.34 -0.05 -2.96
N GLN B 150 -14.81 0.70 -2.00
CA GLN B 150 -13.45 1.20 -2.15
C GLN B 150 -12.52 0.47 -1.20
N THR B 151 -11.31 0.15 -1.68
CA THR B 151 -10.35 -0.57 -0.85
C THR B 151 -8.90 -0.14 -1.06
N ASP B 152 -8.06 -0.37 -0.07
CA ASP B 152 -6.65 -0.02 -0.23
C ASP B 152 -5.83 -1.31 -0.40
N ALA B 153 -6.51 -2.40 -0.73
CA ALA B 153 -5.80 -3.66 -0.97
C ALA B 153 -5.23 -3.46 -2.38
N SER B 154 -3.91 -3.51 -2.51
CA SER B 154 -3.26 -3.29 -3.79
C SER B 154 -3.90 -3.99 -4.98
N ILE B 155 -4.34 -3.17 -5.91
CA ILE B 155 -4.96 -3.67 -7.13
C ILE B 155 -4.15 -3.15 -8.33
N ASN B 156 -3.67 -4.06 -9.16
CA ASN B 156 -2.88 -3.70 -10.35
C ASN B 156 -3.54 -4.22 -11.61
N HIS B 157 -2.95 -3.89 -12.75
CA HIS B 157 -3.47 -4.36 -14.03
C HIS B 157 -3.39 -5.88 -14.04
N GLY B 158 -4.55 -6.52 -14.15
CA GLY B 158 -4.60 -7.97 -14.15
C GLY B 158 -5.55 -8.43 -13.08
N ASN B 159 -5.76 -7.58 -12.08
CA ASN B 159 -6.68 -7.92 -10.99
C ASN B 159 -8.15 -7.87 -11.40
N SER B 160 -8.50 -7.06 -12.39
CA SER B 160 -9.89 -6.91 -12.83
C SER B 160 -10.67 -8.22 -13.03
N GLY B 161 -11.92 -8.23 -12.60
CA GLY B 161 -12.74 -9.42 -12.73
C GLY B 161 -12.50 -10.38 -11.57
N GLY B 162 -11.48 -10.10 -10.77
CA GLY B 162 -11.16 -10.95 -9.63
C GLY B 162 -11.97 -10.69 -8.36
N ALA B 163 -11.65 -11.45 -7.31
CA ALA B 163 -12.35 -11.37 -6.04
C ALA B 163 -11.75 -10.54 -4.92
N LEU B 164 -12.64 -9.95 -4.11
CA LEU B 164 -12.30 -9.17 -2.92
C LEU B 164 -13.06 -9.97 -1.86
N VAL B 165 -12.36 -10.56 -0.90
CA VAL B 165 -13.03 -11.36 0.11
C VAL B 165 -12.63 -10.92 1.52
N ASN B 166 -13.43 -11.25 2.53
CA ASN B 166 -13.07 -10.86 3.90
C ASN B 166 -12.21 -11.96 4.49
N SER B 167 -11.88 -11.84 5.77
CA SER B 167 -11.03 -12.85 6.41
C SER B 167 -11.65 -14.25 6.48
N LEU B 168 -12.94 -14.39 6.18
CA LEU B 168 -13.59 -15.72 6.21
C LEU B 168 -13.63 -16.31 4.82
N GLY B 169 -13.18 -15.55 3.83
CA GLY B 169 -13.20 -16.02 2.46
C GLY B 169 -14.49 -15.67 1.76
N GLU B 170 -15.37 -14.95 2.44
CA GLU B 170 -16.65 -14.56 1.84
C GLU B 170 -16.46 -13.48 0.77
N LEU B 171 -17.13 -13.64 -0.37
CA LEU B 171 -17.02 -12.67 -1.44
C LEU B 171 -17.63 -11.33 -1.04
N MET B 172 -16.81 -10.27 -1.08
CA MET B 172 -17.27 -8.92 -0.74
C MET B 172 -17.53 -8.15 -2.03
N GLY B 173 -16.75 -8.45 -3.06
CA GLY B 173 -16.94 -7.75 -4.32
C GLY B 173 -16.05 -8.25 -5.44
N ILE B 174 -16.26 -7.67 -6.62
CA ILE B 174 -15.50 -8.00 -7.81
C ILE B 174 -14.59 -6.82 -8.10
N ASN B 175 -13.28 -6.99 -7.97
CA ASN B 175 -12.37 -5.88 -8.23
C ASN B 175 -12.49 -5.42 -9.69
N THR B 176 -12.76 -4.14 -9.88
CA THR B 176 -12.89 -3.59 -11.21
C THR B 176 -11.65 -2.73 -11.45
N LEU B 177 -11.79 -1.51 -11.92
CA LEU B 177 -10.59 -0.69 -12.15
C LEU B 177 -9.98 -0.10 -10.87
N SER B 178 -8.96 0.74 -11.05
CA SER B 178 -8.28 1.38 -9.93
C SER B 178 -7.89 2.81 -10.30
N PHE B 179 -7.83 3.69 -9.31
CA PHE B 179 -7.44 5.09 -9.53
C PHE B 179 -5.96 5.01 -9.91
N ASP B 180 -5.68 5.13 -11.21
CA ASP B 180 -4.29 5.04 -11.68
C ASP B 180 -3.50 6.34 -11.60
N LYS B 181 -4.09 7.44 -12.04
CA LYS B 181 -3.41 8.73 -12.00
C LYS B 181 -4.43 9.87 -12.04
N SER B 182 -4.43 10.68 -10.99
CA SER B 182 -5.34 11.82 -10.89
C SER B 182 -4.94 12.95 -11.82
N ASN B 183 -5.71 13.10 -12.90
CA ASN B 183 -5.45 14.13 -13.90
C ASN B 183 -4.01 13.95 -14.39
N ASP B 184 -3.38 15.02 -14.85
CA ASP B 184 -2.01 14.91 -15.31
C ASP B 184 -1.08 15.52 -14.24
N GLY B 185 -0.92 14.78 -13.14
CA GLY B 185 -0.07 15.25 -12.06
C GLY B 185 0.69 14.19 -11.28
N GLU B 186 -0.02 13.42 -10.45
CA GLU B 186 0.63 12.39 -9.62
C GLU B 186 -0.05 11.01 -9.62
N THR B 187 0.48 10.10 -8.80
CA THR B 187 -0.04 8.74 -8.72
C THR B 187 -0.71 8.40 -7.38
N PRO B 188 -2.03 8.14 -7.41
CA PRO B 188 -2.75 7.79 -6.18
C PRO B 188 -2.28 6.45 -5.67
N GLU B 189 -2.22 6.32 -4.35
CA GLU B 189 -1.79 5.07 -3.75
C GLU B 189 -2.91 4.52 -2.86
N GLY B 190 -3.15 3.21 -2.93
CA GLY B 190 -4.17 2.61 -2.09
C GLY B 190 -5.62 2.97 -2.36
N ILE B 191 -5.98 3.22 -3.62
CA ILE B 191 -7.35 3.56 -3.94
C ILE B 191 -7.83 2.64 -5.07
N GLY B 192 -8.63 1.64 -4.68
CA GLY B 192 -9.15 0.69 -5.63
C GLY B 192 -10.64 0.47 -5.46
N PHE B 193 -11.31 0.02 -6.51
CA PHE B 193 -12.74 -0.19 -6.42
C PHE B 193 -13.17 -1.60 -6.79
N ALA B 194 -14.32 -2.00 -6.27
CA ALA B 194 -14.88 -3.31 -6.55
C ALA B 194 -16.39 -3.19 -6.60
N ILE B 195 -17.04 -4.00 -7.43
CA ILE B 195 -18.48 -3.94 -7.51
C ILE B 195 -18.95 -4.81 -6.36
N PRO B 196 -19.86 -4.29 -5.52
CA PRO B 196 -20.39 -5.04 -4.38
C PRO B 196 -20.95 -6.39 -4.81
N PHE B 197 -20.65 -7.44 -4.04
CA PHE B 197 -21.11 -8.75 -4.41
C PHE B 197 -22.62 -8.86 -4.58
N GLN B 198 -23.37 -8.10 -3.80
CA GLN B 198 -24.83 -8.17 -3.91
C GLN B 198 -25.30 -7.67 -5.26
N LEU B 199 -24.61 -6.66 -5.80
CA LEU B 199 -24.98 -6.11 -7.10
C LEU B 199 -24.50 -7.02 -8.22
N ALA B 200 -23.35 -7.66 -8.02
CA ALA B 200 -22.77 -8.55 -9.02
C ALA B 200 -23.61 -9.81 -9.16
N THR B 201 -24.21 -10.24 -8.05
CA THR B 201 -25.05 -11.42 -8.05
C THR B 201 -26.35 -11.08 -8.79
N LYS B 202 -26.91 -9.92 -8.51
CA LYS B 202 -28.13 -9.52 -9.18
C LYS B 202 -27.90 -9.35 -10.69
N ILE B 203 -26.70 -8.91 -11.07
CA ILE B 203 -26.38 -8.73 -12.49
C ILE B 203 -26.13 -10.06 -13.18
N MET B 204 -25.41 -10.95 -12.49
CA MET B 204 -25.12 -12.27 -13.02
C MET B 204 -26.43 -13.01 -13.36
N ASP B 205 -27.34 -13.08 -12.40
CA ASP B 205 -28.60 -13.76 -12.60
C ASP B 205 -29.35 -13.22 -13.81
N LYS B 206 -29.34 -11.90 -13.98
CA LYS B 206 -30.04 -11.28 -15.10
C LYS B 206 -29.35 -11.68 -16.39
N LEU B 207 -28.03 -11.74 -16.35
CA LEU B 207 -27.28 -12.13 -17.55
C LEU B 207 -27.56 -13.59 -17.92
N ILE B 208 -27.53 -14.48 -16.94
CA ILE B 208 -27.80 -15.89 -17.18
C ILE B 208 -29.20 -16.05 -17.78
N ARG B 209 -30.15 -15.29 -17.28
CA ARG B 209 -31.54 -15.39 -17.73
C ARG B 209 -31.90 -14.76 -19.07
N ASP B 210 -31.28 -13.62 -19.40
CA ASP B 210 -31.62 -12.91 -20.62
C ASP B 210 -30.49 -12.63 -21.62
N GLY B 211 -29.25 -12.86 -21.24
CA GLY B 211 -28.18 -12.60 -22.19
C GLY B 211 -27.68 -11.17 -22.13
N ARG B 212 -28.42 -10.33 -21.38
CA ARG B 212 -28.09 -8.93 -21.19
C ARG B 212 -28.95 -8.45 -20.02
N VAL B 213 -28.76 -7.21 -19.59
CA VAL B 213 -29.59 -6.68 -18.51
C VAL B 213 -30.72 -5.86 -19.16
N ILE B 214 -31.96 -6.27 -18.92
CA ILE B 214 -33.10 -5.57 -19.49
C ILE B 214 -33.55 -4.51 -18.51
N ARG B 215 -33.30 -3.24 -18.82
CA ARG B 215 -33.70 -2.16 -17.93
C ARG B 215 -34.92 -1.44 -18.46
N GLY B 216 -35.74 -0.95 -17.55
CA GLY B 216 -36.94 -0.23 -17.93
C GLY B 216 -36.70 1.26 -18.09
N TYR B 217 -36.84 1.73 -19.32
CA TYR B 217 -36.63 3.15 -19.63
C TYR B 217 -37.96 3.81 -19.98
N ILE B 218 -38.09 5.10 -19.66
CA ILE B 218 -39.31 5.83 -19.97
C ILE B 218 -39.01 7.08 -20.81
N GLY B 219 -38.87 8.24 -20.19
CA GLY B 219 -38.60 9.42 -20.98
C GLY B 219 -38.14 10.66 -20.26
N ILE B 220 -37.04 10.56 -19.52
CA ILE B 220 -36.49 11.69 -18.78
C ILE B 220 -35.02 11.49 -18.43
N GLY B 221 -34.31 12.61 -18.24
CA GLY B 221 -32.90 12.55 -17.90
C GLY B 221 -32.47 13.80 -17.16
N GLY B 222 -31.30 13.75 -16.52
CA GLY B 222 -30.81 14.91 -15.79
C GLY B 222 -31.55 15.19 -14.50
N ILE B 241 -38.18 14.39 -6.42
CA ILE B 241 -37.14 15.21 -7.03
C ILE B 241 -37.64 15.82 -8.34
N VAL B 242 -36.93 16.83 -8.83
CA VAL B 242 -37.31 17.53 -10.06
C VAL B 242 -37.06 16.72 -11.34
N VAL B 243 -37.53 17.25 -12.46
CA VAL B 243 -37.36 16.61 -13.76
C VAL B 243 -37.16 17.65 -14.87
N ASN B 244 -35.95 17.67 -15.43
CA ASN B 244 -35.59 18.61 -16.50
C ASN B 244 -34.16 18.35 -16.97
N GLU B 245 -33.98 18.30 -18.29
CA GLU B 245 -32.67 18.05 -18.88
C GLU B 245 -31.93 19.33 -19.29
N VAL B 246 -30.61 19.29 -19.18
CA VAL B 246 -29.76 20.43 -19.56
C VAL B 246 -29.39 20.25 -21.03
N SER B 247 -30.07 19.30 -21.67
CA SER B 247 -29.91 18.95 -23.08
C SER B 247 -31.22 18.27 -23.49
N PRO B 248 -31.60 18.34 -24.78
CA PRO B 248 -32.82 17.75 -25.35
C PRO B 248 -33.54 16.60 -24.61
N ASP B 249 -34.60 16.08 -25.22
CA ASP B 249 -35.36 14.99 -24.61
C ASP B 249 -35.71 13.87 -25.59
N GLY B 250 -36.47 12.88 -25.12
CA GLY B 250 -36.82 11.77 -25.98
C GLY B 250 -38.30 11.52 -26.23
N PRO B 251 -38.61 10.53 -27.09
CA PRO B 251 -39.96 10.09 -27.50
C PRO B 251 -40.86 9.51 -26.41
N ALA B 252 -40.54 8.30 -25.95
CA ALA B 252 -41.32 7.59 -24.93
C ALA B 252 -41.93 8.44 -23.83
N ALA B 253 -41.49 9.69 -23.73
CA ALA B 253 -42.00 10.61 -22.74
C ALA B 253 -43.29 11.24 -23.29
N ASN B 254 -43.88 10.58 -24.27
CA ASN B 254 -45.11 11.06 -24.90
C ASN B 254 -46.27 10.07 -24.81
N ALA B 255 -46.28 9.26 -23.75
CA ALA B 255 -47.34 8.28 -23.57
C ALA B 255 -48.43 8.86 -22.67
N GLY B 256 -48.06 9.90 -21.92
CA GLY B 256 -49.01 10.54 -21.03
C GLY B 256 -48.34 11.25 -19.87
N ILE B 257 -47.32 12.05 -20.17
CA ILE B 257 -46.60 12.80 -19.13
C ILE B 257 -46.23 14.22 -19.61
N GLN B 258 -46.13 15.14 -18.64
CA GLN B 258 -45.81 16.53 -18.93
C GLN B 258 -44.39 16.75 -19.48
N VAL B 259 -43.93 18.00 -19.39
CA VAL B 259 -42.60 18.37 -19.87
C VAL B 259 -41.51 18.25 -18.80
N ASN B 260 -41.37 19.28 -17.98
CA ASN B 260 -40.38 19.30 -16.90
C ASN B 260 -41.07 19.51 -15.56
N ASP B 261 -41.15 18.44 -14.75
CA ASP B 261 -41.80 18.53 -13.44
C ASP B 261 -41.55 17.27 -12.63
N LEU B 262 -41.54 17.42 -11.30
CA LEU B 262 -41.32 16.29 -10.41
C LEU B 262 -42.54 15.37 -10.41
N ILE B 263 -42.37 14.16 -9.91
CA ILE B 263 -43.44 13.18 -9.84
C ILE B 263 -43.45 12.52 -8.46
N ILE B 264 -44.47 11.72 -8.19
CA ILE B 264 -44.59 11.04 -6.90
C ILE B 264 -44.85 9.53 -6.99
N SER B 265 -46.10 9.15 -7.25
CA SER B 265 -46.47 7.74 -7.35
C SER B 265 -46.27 7.21 -8.77
N VAL B 266 -45.50 6.13 -8.87
CA VAL B 266 -45.22 5.50 -10.16
C VAL B 266 -45.44 3.98 -10.03
N ASP B 267 -46.56 3.52 -10.58
CA ASP B 267 -46.91 2.10 -10.54
C ASP B 267 -47.33 1.70 -9.11
N ASN B 268 -48.32 2.41 -8.58
CA ASN B 268 -48.81 2.15 -7.23
C ASN B 268 -47.66 2.08 -6.23
N LYS B 269 -46.86 3.15 -6.19
CA LYS B 269 -45.72 3.21 -5.28
C LYS B 269 -45.29 4.67 -5.12
N PRO B 270 -45.18 5.15 -3.88
CA PRO B 270 -44.77 6.54 -3.61
C PRO B 270 -43.27 6.78 -3.79
N ALA B 271 -42.92 7.97 -4.26
CA ALA B 271 -41.53 8.33 -4.49
C ALA B 271 -40.81 8.62 -3.17
N THR B 277 -36.62 5.36 -6.68
CA THR B 277 -37.52 5.25 -7.82
C THR B 277 -36.71 5.07 -9.10
N MET B 278 -35.41 5.32 -9.00
CA MET B 278 -34.51 5.19 -10.14
C MET B 278 -34.34 3.72 -10.52
N ASP B 279 -34.05 2.90 -9.51
CA ASP B 279 -33.83 1.46 -9.70
C ASP B 279 -35.09 0.63 -9.91
N GLN B 280 -36.25 1.21 -9.60
CA GLN B 280 -37.52 0.49 -9.75
C GLN B 280 -38.06 0.51 -11.18
N VAL B 281 -37.82 1.60 -11.90
CA VAL B 281 -38.29 1.72 -13.27
C VAL B 281 -37.50 0.84 -14.22
N ALA B 282 -36.23 0.60 -13.90
CA ALA B 282 -35.39 -0.25 -14.73
C ALA B 282 -35.69 -1.70 -14.38
N GLU B 283 -36.17 -1.92 -13.16
CA GLU B 283 -36.49 -3.25 -12.68
C GLU B 283 -37.76 -3.79 -13.33
N ILE B 284 -38.50 -2.92 -14.02
CA ILE B 284 -39.73 -3.32 -14.69
C ILE B 284 -39.38 -3.72 -16.13
N ARG B 285 -39.95 -4.83 -16.58
CA ARG B 285 -39.66 -5.33 -17.92
C ARG B 285 -40.54 -4.68 -18.98
N PRO B 286 -39.97 -4.44 -20.17
CA PRO B 286 -40.67 -3.82 -21.30
C PRO B 286 -41.97 -4.52 -21.70
N GLY B 287 -42.82 -3.80 -22.40
CA GLY B 287 -44.10 -4.34 -22.83
C GLY B 287 -45.22 -4.06 -21.86
N SER B 288 -44.87 -3.96 -20.58
CA SER B 288 -45.83 -3.69 -19.53
C SER B 288 -46.25 -2.23 -19.51
N VAL B 289 -47.47 -1.97 -19.03
CA VAL B 289 -47.99 -0.61 -18.95
C VAL B 289 -47.99 -0.16 -17.50
N ILE B 290 -47.46 1.04 -17.25
CA ILE B 290 -47.36 1.58 -15.89
C ILE B 290 -48.06 2.93 -15.72
N PRO B 291 -48.83 3.10 -14.64
CA PRO B 291 -49.55 4.34 -14.35
C PRO B 291 -48.69 5.38 -13.62
N VAL B 292 -48.82 6.65 -14.01
CA VAL B 292 -48.07 7.74 -13.40
C VAL B 292 -49.03 8.84 -12.94
N VAL B 293 -48.49 9.85 -12.25
CA VAL B 293 -49.31 10.95 -11.75
C VAL B 293 -48.56 12.28 -11.77
N VAL B 294 -49.24 13.33 -12.23
CA VAL B 294 -48.66 14.67 -12.32
C VAL B 294 -47.38 14.70 -13.15
N LEU B 303 -52.69 8.80 -17.60
CA LEU B 303 -52.01 8.31 -16.41
C LEU B 303 -51.43 6.91 -16.62
N GLN B 304 -50.95 6.63 -17.84
CA GLN B 304 -50.35 5.34 -18.16
C GLN B 304 -49.33 5.39 -19.29
N VAL B 305 -48.25 4.65 -19.12
CA VAL B 305 -47.17 4.59 -20.10
C VAL B 305 -46.66 3.15 -20.16
N THR B 306 -46.10 2.76 -21.30
CA THR B 306 -45.56 1.41 -21.45
C THR B 306 -44.03 1.47 -21.37
N ILE B 307 -43.45 0.50 -20.67
CA ILE B 307 -42.01 0.45 -20.46
C ILE B 307 -41.18 0.05 -21.70
N GLN B 308 -40.26 0.92 -22.07
CA GLN B 308 -39.37 0.65 -23.20
C GLN B 308 -38.08 0.15 -22.57
N GLU B 309 -37.17 -0.38 -23.38
CA GLU B 309 -35.92 -0.87 -22.86
C GLU B 309 -34.86 0.24 -22.93
N TYR B 310 -34.12 0.41 -21.84
CA TYR B 310 -33.08 1.42 -21.77
C TYR B 310 -32.09 1.26 -22.93
N PRO B 311 -32.06 2.23 -23.86
CA PRO B 311 -31.16 2.17 -25.01
C PRO B 311 -29.68 2.24 -24.65
N MET C 1 -9.30 -3.82 26.29
CA MET C 1 -8.81 -3.76 24.89
C MET C 1 -7.48 -3.04 24.74
N THR C 2 -6.56 -3.66 24.00
CA THR C 2 -5.27 -3.04 23.76
C THR C 2 -5.20 -2.87 22.25
N PRO C 3 -4.47 -1.87 21.77
CA PRO C 3 -4.35 -1.62 20.33
C PRO C 3 -3.78 -2.82 19.61
N ALA C 4 -4.36 -3.18 18.46
CA ALA C 4 -3.82 -4.28 17.66
C ALA C 4 -2.41 -3.83 17.27
N SER C 5 -1.42 -4.72 17.39
CA SER C 5 -0.07 -4.31 17.08
C SER C 5 0.90 -5.44 16.74
N TYR C 6 1.92 -5.12 15.95
CA TYR C 6 2.96 -6.09 15.60
C TYR C 6 4.29 -5.67 16.23
N ASN C 7 4.20 -4.90 17.32
CA ASN C 7 5.38 -4.44 18.02
C ASN C 7 6.24 -5.62 18.54
N LEU C 8 5.60 -6.76 18.86
CA LEU C 8 6.33 -7.92 19.33
C LEU C 8 7.32 -8.32 18.25
N ALA C 9 6.85 -8.42 17.01
CA ALA C 9 7.75 -8.76 15.90
C ALA C 9 8.84 -7.68 15.74
N VAL C 10 8.48 -6.42 16.00
CA VAL C 10 9.45 -5.34 15.86
C VAL C 10 10.52 -5.47 16.93
N ARG C 11 10.12 -5.65 18.18
CA ARG C 11 11.10 -5.76 19.26
C ARG C 11 12.04 -6.93 19.04
N ARG C 12 11.50 -8.05 18.56
CA ARG C 12 12.28 -9.25 18.34
C ARG C 12 13.20 -9.23 17.13
N ALA C 13 12.76 -8.64 16.03
CA ALA C 13 13.56 -8.64 14.83
C ALA C 13 14.24 -7.35 14.40
N ALA C 14 13.64 -6.20 14.65
CA ALA C 14 14.25 -4.95 14.18
C ALA C 14 15.71 -4.69 14.59
N PRO C 15 16.07 -4.97 15.85
CA PRO C 15 17.45 -4.74 16.32
C PRO C 15 18.55 -5.41 15.49
N ALA C 16 18.20 -6.50 14.82
CA ALA C 16 19.16 -7.23 14.00
C ALA C 16 19.18 -6.82 12.53
N VAL C 17 18.29 -5.92 12.13
CA VAL C 17 18.30 -5.49 10.75
C VAL C 17 19.15 -4.25 10.75
N VAL C 18 20.18 -4.27 9.90
CA VAL C 18 21.13 -3.15 9.85
C VAL C 18 21.12 -2.34 8.56
N ASN C 19 21.65 -1.12 8.64
CA ASN C 19 21.75 -0.27 7.46
C ASN C 19 23.10 -0.55 6.80
N VAL C 20 23.10 -0.81 5.50
CA VAL C 20 24.35 -1.07 4.80
C VAL C 20 24.63 0.02 3.76
N TYR C 21 25.88 0.49 3.76
CA TYR C 21 26.33 1.53 2.83
C TYR C 21 27.50 1.04 1.98
N ASN C 22 27.32 1.07 0.66
CA ASN C 22 28.36 0.67 -0.29
C ASN C 22 29.15 1.91 -0.68
N ARG C 23 30.27 2.17 -0.01
CA ARG C 23 31.09 3.33 -0.30
C ARG C 23 32.22 3.08 -1.28
N GLY C 24 32.22 3.82 -2.39
CA GLY C 24 33.26 3.65 -3.39
C GLY C 24 34.23 4.83 -3.47
N LEU C 25 35.28 4.68 -4.29
CA LEU C 25 36.27 5.74 -4.45
C LEU C 25 35.92 6.63 -5.64
N ASN C 26 35.72 7.91 -5.37
CA ASN C 26 35.36 8.86 -6.42
C ASN C 26 36.44 8.95 -7.49
N GLN C 32 37.03 11.45 -2.58
CA GLN C 32 37.59 10.27 -1.95
C GLN C 32 36.55 9.14 -1.83
N LEU C 33 36.20 8.82 -0.58
CA LEU C 33 35.24 7.76 -0.30
C LEU C 33 33.81 8.31 -0.15
N GLU C 34 32.95 7.92 -1.07
CA GLU C 34 31.55 8.37 -1.11
C GLU C 34 30.54 7.22 -1.21
N ILE C 35 29.33 7.49 -0.73
CA ILE C 35 28.27 6.48 -0.77
C ILE C 35 27.80 6.24 -2.20
N ARG C 36 27.97 5.01 -2.70
CA ARG C 36 27.55 4.65 -4.05
C ARG C 36 26.09 4.20 -4.02
N THR C 37 25.77 3.29 -3.10
CA THR C 37 24.41 2.78 -2.94
C THR C 37 24.24 2.53 -1.46
N LEU C 38 23.05 2.11 -1.08
CA LEU C 38 22.82 1.80 0.31
C LEU C 38 21.72 0.77 0.35
N GLY C 39 21.56 0.14 1.51
CA GLY C 39 20.55 -0.87 1.63
C GLY C 39 20.45 -1.35 3.04
N SER C 40 20.11 -2.60 3.21
CA SER C 40 19.96 -3.18 4.52
C SER C 40 20.53 -4.57 4.57
N GLY C 41 20.69 -5.08 5.78
CA GLY C 41 21.22 -6.41 5.95
C GLY C 41 20.70 -7.00 7.24
N VAL C 42 20.80 -8.33 7.34
CA VAL C 42 20.31 -9.04 8.52
C VAL C 42 21.41 -9.80 9.25
N ILE C 43 21.58 -9.50 10.54
CA ILE C 43 22.55 -10.17 11.37
C ILE C 43 22.01 -11.57 11.63
N MET C 44 22.64 -12.58 11.04
CA MET C 44 22.18 -13.96 11.20
C MET C 44 22.62 -14.66 12.49
N ASP C 45 23.82 -14.39 12.99
CA ASP C 45 24.26 -15.06 14.23
C ASP C 45 25.28 -14.28 15.06
N GLN C 46 25.58 -14.81 16.25
CA GLN C 46 26.53 -14.19 17.17
C GLN C 46 27.96 -14.07 16.63
N ARG C 47 28.26 -14.79 15.56
CA ARG C 47 29.59 -14.73 14.99
C ARG C 47 29.82 -13.43 14.22
N GLY C 48 28.72 -12.77 13.84
CA GLY C 48 28.83 -11.52 13.13
C GLY C 48 28.45 -11.60 11.67
N TYR C 49 27.96 -12.76 11.23
CA TYR C 49 27.58 -12.87 9.82
C TYR C 49 26.29 -12.11 9.51
N ILE C 50 26.26 -11.47 8.34
CA ILE C 50 25.13 -10.65 7.94
C ILE C 50 24.73 -10.92 6.49
N ILE C 51 23.45 -11.17 6.23
CA ILE C 51 23.02 -11.38 4.85
C ILE C 51 22.54 -10.07 4.25
N THR C 52 22.69 -9.94 2.94
CA THR C 52 22.23 -8.76 2.22
C THR C 52 22.21 -9.10 0.74
N ASN C 53 21.87 -8.13 -0.10
CA ASN C 53 21.82 -8.34 -1.54
C ASN C 53 23.20 -8.10 -2.16
N LYS C 54 23.52 -8.87 -3.18
CA LYS C 54 24.80 -8.68 -3.84
C LYS C 54 24.82 -7.30 -4.48
N HIS C 55 23.80 -7.00 -5.29
CA HIS C 55 23.74 -5.72 -5.98
C HIS C 55 23.90 -4.52 -5.06
N VAL C 56 23.66 -4.73 -3.77
CA VAL C 56 23.80 -3.66 -2.80
C VAL C 56 25.26 -3.38 -2.45
N ILE C 57 26.12 -4.37 -2.66
CA ILE C 57 27.53 -4.20 -2.30
C ILE C 57 28.49 -4.35 -3.47
N ASN C 58 27.95 -4.70 -4.63
CA ASN C 58 28.75 -4.86 -5.84
C ASN C 58 29.70 -3.68 -6.01
N ASP C 59 30.90 -3.97 -6.50
CA ASP C 59 31.93 -2.96 -6.75
C ASP C 59 32.14 -1.96 -5.64
N ALA C 60 31.93 -2.36 -4.39
CA ALA C 60 32.14 -1.43 -3.30
C ALA C 60 33.63 -1.42 -2.94
N ASP C 61 34.13 -0.29 -2.46
CA ASP C 61 35.54 -0.23 -2.04
C ASP C 61 35.54 -0.37 -0.54
N GLN C 62 34.42 -0.02 0.07
CA GLN C 62 34.27 -0.13 1.51
C GLN C 62 32.78 -0.27 1.88
N ILE C 63 32.49 -1.30 2.66
CA ILE C 63 31.13 -1.59 3.10
C ILE C 63 30.94 -1.25 4.57
N ILE C 64 30.03 -0.32 4.88
CA ILE C 64 29.77 0.04 6.28
C ILE C 64 28.41 -0.51 6.75
N VAL C 65 28.39 -1.02 7.97
CA VAL C 65 27.18 -1.59 8.55
C VAL C 65 26.88 -0.76 9.79
N ALA C 66 25.62 -0.38 9.97
CA ALA C 66 25.24 0.39 11.15
C ALA C 66 24.06 -0.29 11.83
N LEU C 67 24.13 -0.40 13.15
CA LEU C 67 23.08 -1.04 13.93
C LEU C 67 22.22 0.01 14.57
N GLN C 68 20.98 -0.37 14.88
CA GLN C 68 20.03 0.51 15.50
C GLN C 68 20.44 0.95 16.89
N ASP C 69 21.38 0.23 17.51
CA ASP C 69 21.80 0.62 18.86
C ASP C 69 22.89 1.70 18.83
N GLY C 70 23.36 2.07 17.64
CA GLY C 70 24.37 3.09 17.54
C GLY C 70 25.73 2.66 16.99
N ARG C 71 26.10 1.40 17.18
CA ARG C 71 27.39 0.92 16.70
C ARG C 71 27.50 0.90 15.18
N VAL C 72 28.70 1.21 14.71
CA VAL C 72 29.00 1.23 13.28
C VAL C 72 30.24 0.35 13.11
N PHE C 73 30.34 -0.33 11.97
CA PHE C 73 31.47 -1.22 11.75
C PHE C 73 31.93 -1.27 10.30
N GLU C 74 33.20 -1.60 10.12
CA GLU C 74 33.78 -1.77 8.81
C GLU C 74 33.39 -3.23 8.54
N ALA C 75 32.89 -3.54 7.36
CA ALA C 75 32.47 -4.91 7.10
C ALA C 75 33.28 -5.68 6.07
N LEU C 76 33.46 -6.98 6.33
CA LEU C 76 34.21 -7.84 5.44
C LEU C 76 33.31 -8.59 4.47
N LEU C 77 33.67 -8.56 3.19
CA LEU C 77 32.88 -9.27 2.19
C LEU C 77 33.34 -10.72 2.17
N VAL C 78 32.57 -11.62 2.78
CA VAL C 78 32.98 -13.01 2.79
C VAL C 78 32.56 -13.77 1.54
N GLY C 79 31.61 -13.23 0.78
CA GLY C 79 31.17 -13.91 -0.42
C GLY C 79 29.91 -13.33 -1.02
N SER C 80 29.57 -13.76 -2.24
CA SER C 80 28.36 -13.28 -2.91
C SER C 80 28.00 -14.21 -4.06
N ASP C 81 26.74 -14.22 -4.46
CA ASP C 81 26.27 -15.09 -5.53
C ASP C 81 25.35 -14.28 -6.45
N SER C 82 25.67 -14.26 -7.73
CA SER C 82 24.89 -13.50 -8.70
C SER C 82 23.54 -14.09 -9.04
N LEU C 83 23.44 -15.41 -9.02
CA LEU C 83 22.17 -16.03 -9.35
C LEU C 83 21.07 -15.64 -8.36
N THR C 84 21.34 -15.83 -7.07
CA THR C 84 20.36 -15.50 -6.04
C THR C 84 20.51 -14.07 -5.53
N ASP C 85 21.45 -13.32 -6.10
CA ASP C 85 21.71 -11.95 -5.71
C ASP C 85 21.82 -11.80 -4.20
N LEU C 86 22.52 -12.75 -3.59
CA LEU C 86 22.74 -12.74 -2.14
C LEU C 86 24.19 -12.43 -1.85
N ALA C 87 24.47 -11.97 -0.63
CA ALA C 87 25.83 -11.66 -0.24
C ALA C 87 25.98 -11.73 1.28
N VAL C 88 27.11 -12.26 1.72
CA VAL C 88 27.37 -12.38 3.14
C VAL C 88 28.50 -11.45 3.54
N LEU C 89 28.33 -10.78 4.67
CA LEU C 89 29.30 -9.85 5.19
C LEU C 89 29.61 -10.32 6.59
N LYS C 90 30.62 -9.73 7.21
CA LYS C 90 30.99 -10.11 8.56
C LYS C 90 31.52 -8.91 9.30
N ILE C 91 31.07 -8.73 10.53
CA ILE C 91 31.54 -7.64 11.36
C ILE C 91 32.18 -8.19 12.63
N ASN C 92 33.36 -7.70 12.95
CA ASN C 92 34.07 -8.16 14.14
C ASN C 92 33.53 -7.45 15.39
N ALA C 93 32.37 -7.93 15.85
CA ALA C 93 31.77 -7.32 17.01
C ALA C 93 31.68 -8.18 18.27
N THR C 94 32.43 -7.76 19.30
CA THR C 94 32.40 -8.41 20.60
C THR C 94 31.33 -7.63 21.36
N GLY C 95 31.09 -7.96 22.61
CA GLY C 95 30.06 -7.25 23.35
C GLY C 95 28.67 -7.79 23.08
N GLY C 96 28.55 -8.64 22.04
CA GLY C 96 27.27 -9.23 21.70
C GLY C 96 26.55 -8.52 20.56
N LEU C 97 25.96 -9.31 19.65
CA LEU C 97 25.24 -8.75 18.53
C LEU C 97 23.77 -9.15 18.55
N PRO C 98 22.87 -8.21 18.21
CA PRO C 98 21.45 -8.58 18.21
C PRO C 98 21.35 -9.55 17.04
N THR C 99 20.52 -10.57 17.19
CA THR C 99 20.39 -11.61 16.17
C THR C 99 18.95 -11.72 15.66
N ILE C 100 18.77 -12.24 14.44
CA ILE C 100 17.41 -12.36 13.88
C ILE C 100 16.71 -13.69 14.24
N PRO C 101 15.47 -13.61 14.75
CA PRO C 101 14.80 -14.87 15.09
C PRO C 101 14.60 -15.71 13.84
N ILE C 102 14.98 -16.97 13.90
CA ILE C 102 14.78 -17.83 12.77
C ILE C 102 14.24 -19.18 13.25
N ASN C 103 13.20 -19.66 12.58
CA ASN C 103 12.57 -20.92 12.90
C ASN C 103 12.63 -21.75 11.64
N ALA C 104 13.59 -22.67 11.60
CA ALA C 104 13.80 -23.50 10.43
C ALA C 104 12.63 -24.41 10.11
N ARG C 105 11.78 -24.66 11.10
CA ARG C 105 10.63 -25.54 10.92
C ARG C 105 9.37 -24.84 10.42
N ARG C 106 9.35 -23.51 10.50
CA ARG C 106 8.19 -22.76 10.06
C ARG C 106 8.01 -22.73 8.56
N VAL C 107 6.81 -23.07 8.11
CA VAL C 107 6.48 -23.05 6.69
C VAL C 107 5.72 -21.77 6.40
N PRO C 108 6.30 -20.87 5.60
CA PRO C 108 5.57 -19.64 5.30
C PRO C 108 4.31 -19.99 4.51
N HIS C 109 3.19 -19.32 4.78
CA HIS C 109 1.97 -19.58 4.04
C HIS C 109 1.48 -18.31 3.36
N ILE C 110 0.76 -18.49 2.25
CA ILE C 110 0.20 -17.37 1.53
C ILE C 110 -0.86 -16.77 2.45
N GLY C 111 -0.80 -15.45 2.64
CA GLY C 111 -1.75 -14.78 3.50
C GLY C 111 -1.19 -14.44 4.87
N ASP C 112 -0.04 -15.04 5.18
CA ASP C 112 0.60 -14.76 6.46
C ASP C 112 0.96 -13.26 6.53
N VAL C 113 0.68 -12.63 7.66
CA VAL C 113 1.00 -11.22 7.85
C VAL C 113 2.53 -11.09 7.91
N VAL C 114 3.10 -10.12 7.21
CA VAL C 114 4.54 -9.95 7.25
C VAL C 114 4.92 -8.50 7.35
N LEU C 115 6.08 -8.28 7.94
CA LEU C 115 6.60 -6.93 8.11
C LEU C 115 7.92 -6.84 7.37
N ALA C 116 8.11 -5.75 6.65
CA ALA C 116 9.36 -5.52 5.93
C ALA C 116 10.14 -4.58 6.80
N ILE C 117 11.40 -4.90 7.04
CA ILE C 117 12.24 -4.05 7.87
C ILE C 117 13.44 -3.57 7.03
N GLY C 118 13.59 -2.26 6.88
CA GLY C 118 14.68 -1.74 6.09
C GLY C 118 14.95 -0.27 6.31
N ASN C 119 15.68 0.34 5.38
CA ASN C 119 16.06 1.75 5.51
C ASN C 119 15.81 2.49 4.19
N PRO C 120 14.53 2.63 3.81
CA PRO C 120 14.14 3.30 2.56
C PRO C 120 14.59 4.75 2.51
N TYR C 121 15.19 5.11 1.37
CA TYR C 121 15.71 6.45 1.16
C TYR C 121 16.52 6.93 2.34
N ASN C 122 17.21 6.00 3.01
CA ASN C 122 18.05 6.34 4.15
C ASN C 122 17.29 7.19 5.15
N LEU C 123 15.98 6.99 5.23
CA LEU C 123 15.17 7.76 6.17
C LEU C 123 15.39 7.31 7.60
N GLY C 124 16.01 6.14 7.75
CA GLY C 124 16.20 5.55 9.05
C GLY C 124 15.42 4.24 8.98
N GLN C 125 15.64 3.31 9.90
CA GLN C 125 14.93 2.02 9.84
C GLN C 125 13.42 2.22 9.88
N THR C 126 12.70 1.56 8.98
CA THR C 126 11.25 1.71 8.96
C THR C 126 10.58 0.34 8.78
N ILE C 127 9.47 0.12 9.47
CA ILE C 127 8.74 -1.14 9.33
C ILE C 127 7.44 -0.92 8.53
N THR C 128 7.22 -1.72 7.50
CA THR C 128 5.97 -1.63 6.73
C THR C 128 5.28 -2.99 6.88
N GLN C 129 3.96 -3.03 6.69
CA GLN C 129 3.17 -4.26 6.87
C GLN C 129 2.35 -4.70 5.67
N GLY C 130 2.31 -6.01 5.45
CA GLY C 130 1.56 -6.59 4.35
C GLY C 130 1.37 -8.08 4.66
N ILE C 131 1.24 -8.90 3.62
CA ILE C 131 1.06 -10.33 3.80
C ILE C 131 1.89 -11.06 2.74
N ILE C 132 2.02 -12.38 2.90
CA ILE C 132 2.72 -13.15 1.88
C ILE C 132 1.70 -13.27 0.75
N SER C 133 2.00 -12.62 -0.37
CA SER C 133 1.12 -12.64 -1.53
C SER C 133 1.24 -13.87 -2.40
N ALA C 134 2.41 -14.50 -2.41
CA ALA C 134 2.61 -15.67 -3.25
C ALA C 134 3.94 -16.30 -2.93
N THR C 135 4.13 -17.53 -3.39
CA THR C 135 5.37 -18.27 -3.15
C THR C 135 5.93 -18.93 -4.42
N GLY C 136 7.23 -19.22 -4.39
CA GLY C 136 7.88 -19.85 -5.53
C GLY C 136 7.68 -19.08 -6.82
N ARG C 137 8.10 -17.82 -6.84
CA ARG C 137 7.94 -16.99 -8.03
C ARG C 137 9.28 -16.70 -8.71
N ILE C 138 9.22 -16.23 -9.96
CA ILE C 138 10.42 -15.93 -10.72
C ILE C 138 10.72 -14.42 -10.82
N GLY C 139 10.06 -13.63 -9.98
CA GLY C 139 10.28 -12.19 -9.98
C GLY C 139 10.11 -11.52 -11.34
N LEU C 140 11.04 -10.63 -11.68
CA LEU C 140 11.00 -9.92 -12.96
C LEU C 140 11.66 -10.78 -14.04
N ASN C 141 12.80 -11.38 -13.70
CA ASN C 141 13.56 -12.23 -14.61
C ASN C 141 12.64 -13.15 -15.40
N PRO C 142 12.81 -13.18 -16.74
CA PRO C 142 11.99 -14.03 -17.61
C PRO C 142 11.83 -15.45 -17.06
N THR C 143 12.95 -16.11 -16.81
CA THR C 143 12.95 -17.47 -16.29
C THR C 143 14.33 -17.88 -15.78
N GLY C 144 14.48 -17.92 -14.46
CA GLY C 144 15.74 -18.29 -13.86
C GLY C 144 15.51 -19.32 -12.78
N ARG C 145 16.50 -20.16 -12.52
CA ARG C 145 16.37 -21.19 -11.50
C ARG C 145 16.37 -20.50 -10.14
N GLN C 146 15.27 -19.81 -9.84
CA GLN C 146 15.13 -19.07 -8.59
C GLN C 146 13.65 -18.82 -8.29
N ASN C 147 13.28 -18.85 -7.00
CA ASN C 147 11.89 -18.63 -6.61
C ASN C 147 11.77 -17.73 -5.37
N PHE C 148 11.11 -16.59 -5.53
CA PHE C 148 10.94 -15.64 -4.44
C PHE C 148 9.60 -15.75 -3.74
N LEU C 149 9.45 -14.95 -2.68
CA LEU C 149 8.19 -14.82 -1.95
C LEU C 149 7.74 -13.47 -2.51
N GLN C 150 6.43 -13.30 -2.75
CA GLN C 150 5.92 -12.02 -3.23
C GLN C 150 5.16 -11.41 -2.05
N THR C 151 5.27 -10.10 -1.84
CA THR C 151 4.58 -9.48 -0.73
C THR C 151 4.11 -8.09 -1.06
N ASP C 152 3.05 -7.64 -0.38
CA ASP C 152 2.55 -6.30 -0.63
C ASP C 152 3.02 -5.36 0.47
N ALA C 153 3.87 -5.86 1.37
CA ALA C 153 4.46 -5.00 2.40
C ALA C 153 5.27 -4.02 1.54
N SER C 154 5.15 -2.72 1.79
CA SER C 154 5.85 -1.73 0.99
C SER C 154 7.36 -1.68 1.11
N ILE C 155 8.05 -1.89 0.00
CA ILE C 155 9.51 -1.80 0.01
C ILE C 155 9.95 -0.76 -1.03
N ASN C 156 10.99 -0.03 -0.69
CA ASN C 156 11.51 1.02 -1.56
C ASN C 156 13.01 0.90 -1.66
N HIS C 157 13.62 1.75 -2.49
CA HIS C 157 15.06 1.75 -2.61
C HIS C 157 15.57 1.91 -1.19
N GLY C 158 16.46 1.02 -0.77
CA GLY C 158 16.96 1.10 0.60
C GLY C 158 16.50 -0.09 1.43
N ASN C 159 15.46 -0.79 0.98
CA ASN C 159 14.94 -1.96 1.69
C ASN C 159 15.74 -3.19 1.30
N SER C 160 16.39 -3.13 0.15
CA SER C 160 17.17 -4.24 -0.40
C SER C 160 18.18 -4.87 0.56
N GLY C 161 18.03 -6.18 0.78
CA GLY C 161 18.89 -6.91 1.66
C GLY C 161 18.34 -6.98 3.08
N GLY C 162 17.24 -6.28 3.33
CA GLY C 162 16.63 -6.27 4.65
C GLY C 162 15.74 -7.48 4.95
N ALA C 163 15.19 -7.51 6.16
CA ALA C 163 14.37 -8.63 6.61
C ALA C 163 12.86 -8.55 6.38
N LEU C 164 12.27 -9.70 6.09
CA LEU C 164 10.83 -9.85 5.91
C LEU C 164 10.48 -10.85 7.02
N VAL C 165 9.81 -10.39 8.07
CA VAL C 165 9.45 -11.26 9.20
C VAL C 165 7.95 -11.42 9.40
N ASN C 166 7.54 -12.51 10.07
CA ASN C 166 6.12 -12.72 10.33
C ASN C 166 5.76 -12.06 11.66
N SER C 167 4.50 -12.18 12.08
CA SER C 167 4.04 -11.54 13.32
C SER C 167 4.78 -11.99 14.56
N LEU C 168 5.58 -13.05 14.45
CA LEU C 168 6.35 -13.54 15.59
C LEU C 168 7.80 -13.07 15.51
N GLY C 169 8.14 -12.38 14.42
CA GLY C 169 9.49 -11.90 14.24
C GLY C 169 10.41 -12.91 13.60
N GLU C 170 9.86 -14.02 13.11
CA GLU C 170 10.66 -15.07 12.48
C GLU C 170 10.99 -14.72 11.05
N LEU C 171 12.28 -14.70 10.72
CA LEU C 171 12.67 -14.37 9.36
C LEU C 171 11.96 -15.21 8.31
N MET C 172 11.27 -14.55 7.39
CA MET C 172 10.56 -15.24 6.30
C MET C 172 11.38 -15.13 5.01
N GLY C 173 12.13 -14.02 4.90
CA GLY C 173 12.94 -13.81 3.71
C GLY C 173 13.79 -12.54 3.73
N ILE C 174 14.57 -12.36 2.67
CA ILE C 174 15.43 -11.20 2.53
C ILE C 174 14.84 -10.41 1.38
N ASN C 175 14.35 -9.22 1.66
CA ASN C 175 13.73 -8.40 0.61
C ASN C 175 14.73 -8.02 -0.47
N THR C 176 14.29 -8.12 -1.71
CA THR C 176 15.15 -7.80 -2.82
C THR C 176 14.62 -6.63 -3.63
N LEU C 177 13.77 -6.87 -4.62
CA LEU C 177 13.26 -5.74 -5.38
C LEU C 177 11.74 -5.74 -5.57
N SER C 178 11.23 -4.59 -6.00
CA SER C 178 9.80 -4.43 -6.27
C SER C 178 9.58 -4.66 -7.75
N PHE C 179 8.34 -4.85 -8.17
CA PHE C 179 8.05 -5.06 -9.58
C PHE C 179 8.29 -3.72 -10.31
N ASP C 180 9.09 -3.76 -11.37
CA ASP C 180 9.50 -2.58 -12.13
C ASP C 180 8.53 -1.69 -12.92
N LYS C 181 8.34 -1.99 -14.19
CA LYS C 181 7.49 -1.15 -15.04
C LYS C 181 6.08 -1.59 -15.39
N SER C 182 5.37 -0.64 -15.97
CA SER C 182 3.98 -0.77 -16.37
C SER C 182 3.76 -1.27 -17.78
N ASN C 183 2.53 -1.68 -18.02
CA ASN C 183 2.09 -2.20 -19.29
C ASN C 183 1.57 -1.02 -20.11
N ASP C 184 1.22 0.07 -19.42
CA ASP C 184 0.69 1.25 -20.12
C ASP C 184 0.61 2.52 -19.26
N GLY C 185 1.74 2.94 -18.71
CA GLY C 185 1.78 4.16 -17.92
C GLY C 185 1.36 4.12 -16.46
N GLU C 186 0.99 2.95 -15.93
CA GLU C 186 0.57 2.87 -14.53
C GLU C 186 1.73 2.36 -13.67
N THR C 187 1.84 2.84 -12.44
CA THR C 187 2.91 2.34 -11.60
C THR C 187 2.39 1.17 -10.74
N PRO C 188 3.03 0.00 -10.85
CA PRO C 188 2.58 -1.13 -10.05
C PRO C 188 2.68 -0.80 -8.57
N GLU C 189 1.72 -1.27 -7.79
CA GLU C 189 1.69 -1.00 -6.37
C GLU C 189 1.62 -2.30 -5.57
N GLY C 190 2.39 -2.36 -4.49
CA GLY C 190 2.36 -3.54 -3.64
C GLY C 190 2.87 -4.87 -4.16
N ILE C 191 3.80 -4.86 -5.11
CA ILE C 191 4.34 -6.11 -5.60
C ILE C 191 5.85 -6.10 -5.34
N GLY C 192 6.26 -6.81 -4.30
CA GLY C 192 7.67 -6.89 -3.93
C GLY C 192 8.12 -8.34 -3.82
N PHE C 193 9.43 -8.55 -3.80
CA PHE C 193 9.94 -9.90 -3.73
C PHE C 193 11.02 -10.07 -2.69
N ALA C 194 11.10 -11.27 -2.15
CA ALA C 194 12.11 -11.56 -1.15
C ALA C 194 12.59 -12.98 -1.39
N ILE C 195 13.83 -13.26 -1.03
CA ILE C 195 14.34 -14.59 -1.22
C ILE C 195 13.88 -15.39 -0.02
N PRO C 196 13.32 -16.58 -0.24
CA PRO C 196 12.87 -17.37 0.91
C PRO C 196 14.04 -17.57 1.86
N PHE C 197 13.79 -17.36 3.14
CA PHE C 197 14.82 -17.49 4.16
C PHE C 197 15.53 -18.86 4.13
N GLN C 198 14.87 -19.86 3.55
CA GLN C 198 15.46 -21.19 3.48
C GLN C 198 16.62 -21.20 2.48
N LEU C 199 16.37 -20.62 1.32
CA LEU C 199 17.37 -20.55 0.27
C LEU C 199 18.47 -19.58 0.70
N ALA C 200 18.10 -18.51 1.39
CA ALA C 200 19.09 -17.53 1.84
C ALA C 200 20.05 -18.15 2.85
N THR C 201 19.52 -18.99 3.74
CA THR C 201 20.33 -19.64 4.77
C THR C 201 21.26 -20.69 4.13
N LYS C 202 20.74 -21.37 3.12
CA LYS C 202 21.50 -22.38 2.40
C LYS C 202 22.64 -21.69 1.62
N ILE C 203 22.36 -20.58 0.93
CA ILE C 203 23.39 -19.86 0.20
C ILE C 203 24.41 -19.20 1.14
N MET C 204 23.95 -18.72 2.28
CA MET C 204 24.88 -18.11 3.22
C MET C 204 25.95 -19.15 3.57
N ASP C 205 25.53 -20.26 4.19
CA ASP C 205 26.46 -21.32 4.58
C ASP C 205 27.42 -21.71 3.46
N LYS C 206 26.93 -21.75 2.22
CA LYS C 206 27.78 -22.09 1.07
C LYS C 206 28.83 -21.01 0.87
N LEU C 207 28.39 -19.76 0.95
CA LEU C 207 29.29 -18.63 0.78
C LEU C 207 30.30 -18.60 1.90
N ILE C 208 29.90 -19.01 3.09
CA ILE C 208 30.82 -18.98 4.22
C ILE C 208 31.86 -20.10 4.12
N ARG C 209 31.46 -21.23 3.56
CA ARG C 209 32.37 -22.37 3.43
C ARG C 209 33.34 -22.32 2.25
N ASP C 210 32.84 -22.03 1.05
CA ASP C 210 33.68 -22.01 -0.14
C ASP C 210 34.05 -20.61 -0.62
N GLY C 211 33.78 -19.60 0.19
CA GLY C 211 34.08 -18.25 -0.25
C GLY C 211 33.14 -17.85 -1.38
N ARG C 212 32.32 -18.80 -1.82
CA ARG C 212 31.33 -18.56 -2.87
C ARG C 212 30.48 -19.80 -3.11
N VAL C 213 29.61 -19.73 -4.10
CA VAL C 213 28.73 -20.86 -4.40
C VAL C 213 29.27 -21.81 -5.47
N ILE C 214 29.60 -23.03 -5.04
CA ILE C 214 30.11 -24.08 -5.93
C ILE C 214 28.92 -24.84 -6.53
N ARG C 215 28.57 -24.52 -7.77
CA ARG C 215 27.46 -25.21 -8.43
C ARG C 215 27.97 -26.18 -9.50
N GLY C 216 27.30 -27.33 -9.62
CA GLY C 216 27.69 -28.32 -10.60
C GLY C 216 26.98 -28.20 -11.94
N TYR C 217 27.67 -27.67 -12.93
CA TYR C 217 27.12 -27.49 -14.28
C TYR C 217 27.54 -28.62 -15.22
N ILE C 218 26.57 -29.25 -15.89
CA ILE C 218 26.86 -30.33 -16.83
C ILE C 218 27.48 -29.74 -18.10
N GLY C 219 26.72 -29.70 -19.18
CA GLY C 219 27.25 -29.15 -20.42
C GLY C 219 26.23 -28.96 -21.52
N ILE C 220 24.98 -28.75 -21.14
CA ILE C 220 23.91 -28.54 -22.11
C ILE C 220 22.92 -27.46 -21.68
N GLY C 221 22.23 -26.88 -22.64
CA GLY C 221 21.26 -25.84 -22.35
C GLY C 221 19.92 -26.25 -22.95
N GLY C 222 18.84 -25.62 -22.50
CA GLY C 222 17.52 -25.95 -23.02
C GLY C 222 16.66 -24.74 -23.30
N ILE C 241 13.20 -34.14 -18.71
CA ILE C 241 12.37 -33.63 -19.80
C ILE C 241 13.07 -33.81 -21.14
N VAL C 242 13.66 -32.75 -21.67
CA VAL C 242 14.35 -32.83 -22.96
C VAL C 242 15.60 -31.95 -23.01
N VAL C 243 16.60 -32.40 -23.78
CA VAL C 243 17.86 -31.67 -23.93
C VAL C 243 18.15 -31.29 -25.38
N ASN C 244 18.50 -30.02 -25.58
CA ASN C 244 18.82 -29.47 -26.89
C ASN C 244 18.85 -27.95 -26.79
N GLU C 245 19.67 -27.29 -27.61
CA GLU C 245 19.78 -25.83 -27.55
C GLU C 245 19.62 -25.13 -28.90
N VAL C 246 19.25 -23.85 -28.84
CA VAL C 246 19.10 -23.02 -30.03
C VAL C 246 20.48 -22.43 -30.31
N SER C 247 21.41 -22.73 -29.39
CA SER C 247 22.79 -22.28 -29.48
C SER C 247 23.70 -23.43 -29.03
N PRO C 248 24.97 -23.43 -29.46
CA PRO C 248 25.95 -24.46 -29.11
C PRO C 248 25.92 -24.98 -27.66
N ASP C 249 26.37 -26.22 -27.48
CA ASP C 249 26.41 -26.86 -26.18
C ASP C 249 27.84 -26.83 -25.61
N GLY C 250 27.96 -27.03 -24.30
CA GLY C 250 29.26 -26.99 -23.66
C GLY C 250 30.12 -28.24 -23.83
N PRO C 251 31.44 -28.13 -23.64
CA PRO C 251 32.40 -29.23 -23.75
C PRO C 251 32.24 -30.32 -22.69
N ALA C 252 31.50 -30.02 -21.63
CA ALA C 252 31.29 -30.97 -20.54
C ALA C 252 30.12 -31.91 -20.80
N ALA C 253 29.77 -32.09 -22.07
CA ALA C 253 28.66 -32.95 -22.44
C ALA C 253 29.13 -34.21 -23.19
N ASN C 254 30.44 -34.31 -23.42
CA ASN C 254 30.99 -35.46 -24.13
C ASN C 254 31.57 -36.49 -23.16
N ALA C 255 30.86 -36.71 -22.06
CA ALA C 255 31.32 -37.67 -21.05
C ALA C 255 30.60 -39.01 -21.10
N GLY C 256 29.36 -39.02 -21.61
CA GLY C 256 28.61 -40.26 -21.68
C GLY C 256 27.16 -40.11 -22.11
N ILE C 257 26.84 -38.98 -22.75
CA ILE C 257 25.49 -38.71 -23.22
C ILE C 257 25.44 -38.45 -24.72
N GLN C 258 24.23 -38.43 -25.28
CA GLN C 258 24.03 -38.21 -26.71
C GLN C 258 23.72 -36.76 -27.07
N VAL C 259 23.57 -36.50 -28.36
CA VAL C 259 23.26 -35.15 -28.85
C VAL C 259 21.96 -34.59 -28.27
N ASN C 260 20.84 -34.84 -28.94
CA ASN C 260 19.54 -34.34 -28.48
C ASN C 260 18.59 -35.46 -28.06
N ASP C 261 18.17 -35.43 -26.79
CA ASP C 261 17.25 -36.44 -26.27
C ASP C 261 16.84 -36.15 -24.83
N LEU C 262 16.10 -37.08 -24.23
CA LEU C 262 15.64 -36.95 -22.85
C LEU C 262 16.44 -37.86 -21.91
N ILE C 263 16.39 -37.56 -20.61
CA ILE C 263 17.11 -38.36 -19.63
C ILE C 263 16.21 -38.72 -18.44
N ILE C 264 16.68 -39.68 -17.64
CA ILE C 264 15.93 -40.15 -16.47
C ILE C 264 16.78 -40.25 -15.20
N SER C 265 17.28 -41.44 -14.91
CA SER C 265 18.10 -41.65 -13.71
C SER C 265 19.50 -41.09 -13.86
N VAL C 266 19.84 -40.13 -13.00
CA VAL C 266 21.15 -39.50 -13.01
C VAL C 266 21.75 -39.52 -11.61
N ASP C 267 22.73 -40.39 -11.41
CA ASP C 267 23.41 -40.54 -10.13
C ASP C 267 22.49 -41.16 -9.07
N ASN C 268 21.82 -42.24 -9.44
CA ASN C 268 20.92 -42.97 -8.55
C ASN C 268 19.64 -42.21 -8.16
N LYS C 269 19.00 -41.58 -9.15
CA LYS C 269 17.77 -40.84 -8.87
C LYS C 269 16.95 -40.63 -10.14
N PRO C 270 15.66 -41.01 -10.10
CA PRO C 270 14.73 -40.89 -11.22
C PRO C 270 14.35 -39.46 -11.61
N ALA C 271 14.40 -39.16 -12.90
CA ALA C 271 14.07 -37.83 -13.40
C ALA C 271 12.57 -37.58 -13.35
N THR C 277 14.92 -31.79 -10.82
CA THR C 277 16.06 -32.37 -11.51
C THR C 277 17.14 -31.33 -11.77
N MET C 278 16.73 -30.07 -11.86
CA MET C 278 17.66 -28.97 -12.10
C MET C 278 18.61 -28.80 -10.92
N ASP C 279 18.07 -28.30 -9.81
CA ASP C 279 18.82 -28.04 -8.59
C ASP C 279 19.74 -29.19 -8.14
N GLN C 280 19.37 -30.42 -8.48
CA GLN C 280 20.17 -31.59 -8.08
C GLN C 280 21.50 -31.62 -8.83
N VAL C 281 21.47 -31.18 -10.08
CA VAL C 281 22.67 -31.15 -10.91
C VAL C 281 23.71 -30.17 -10.35
N ALA C 282 23.23 -29.03 -9.84
CA ALA C 282 24.12 -28.02 -9.29
C ALA C 282 24.60 -28.37 -7.90
N GLU C 283 23.82 -29.17 -7.17
CA GLU C 283 24.19 -29.58 -5.81
C GLU C 283 25.28 -30.64 -5.83
N ILE C 284 25.69 -31.05 -7.03
CA ILE C 284 26.74 -32.04 -7.18
C ILE C 284 28.08 -31.37 -7.45
N ARG C 285 29.10 -31.79 -6.70
CA ARG C 285 30.45 -31.22 -6.82
C ARG C 285 31.15 -31.48 -8.15
N PRO C 286 31.90 -30.47 -8.64
CA PRO C 286 32.64 -30.58 -9.90
C PRO C 286 33.77 -31.61 -9.84
N GLY C 287 33.90 -32.40 -10.89
CA GLY C 287 34.95 -33.41 -10.95
C GLY C 287 34.41 -34.81 -10.74
N SER C 288 33.29 -34.91 -10.03
CA SER C 288 32.66 -36.19 -9.74
C SER C 288 32.17 -36.92 -10.98
N VAL C 289 32.18 -38.25 -10.94
CA VAL C 289 31.73 -39.08 -12.05
C VAL C 289 30.26 -39.43 -11.81
N ILE C 290 29.38 -38.84 -12.62
CA ILE C 290 27.95 -39.06 -12.48
C ILE C 290 27.37 -39.93 -13.61
N PRO C 291 26.73 -41.05 -13.25
CA PRO C 291 26.12 -41.97 -14.21
C PRO C 291 24.87 -41.39 -14.86
N VAL C 292 24.96 -41.08 -16.15
CA VAL C 292 23.85 -40.51 -16.91
C VAL C 292 23.33 -41.51 -17.95
N VAL C 293 22.01 -41.76 -17.92
CA VAL C 293 21.40 -42.70 -18.86
C VAL C 293 20.50 -41.99 -19.86
N VAL C 294 20.68 -42.30 -21.14
CA VAL C 294 19.89 -41.69 -22.21
C VAL C 294 19.98 -40.17 -22.18
N LEU C 303 28.33 -44.91 -19.50
CA LEU C 303 27.29 -43.99 -19.06
C LEU C 303 27.71 -43.24 -17.80
N GLN C 304 28.70 -42.36 -17.92
CA GLN C 304 29.18 -41.58 -16.79
C GLN C 304 29.78 -40.24 -17.23
N VAL C 305 29.44 -39.18 -16.51
CA VAL C 305 29.93 -37.83 -16.80
C VAL C 305 30.67 -37.24 -15.60
N THR C 306 31.40 -36.16 -15.84
CA THR C 306 32.15 -35.48 -14.79
C THR C 306 31.67 -34.03 -14.71
N ILE C 307 31.04 -33.68 -13.60
CA ILE C 307 30.50 -32.34 -13.40
C ILE C 307 31.58 -31.25 -13.40
N GLN C 308 31.31 -30.17 -14.13
CA GLN C 308 32.24 -29.05 -14.19
C GLN C 308 31.57 -27.80 -13.64
N GLU C 309 32.20 -27.22 -12.62
CA GLU C 309 31.69 -26.02 -11.96
C GLU C 309 31.10 -24.99 -12.92
N TYR C 310 29.93 -24.47 -12.56
CA TYR C 310 29.22 -23.47 -13.35
C TYR C 310 30.14 -22.30 -13.67
N PRO C 311 30.48 -22.10 -14.96
CA PRO C 311 31.36 -21.00 -15.35
C PRO C 311 30.72 -19.62 -15.19
N VAL D 7 22.53 21.31 11.51
CA VAL D 7 22.02 22.70 11.52
C VAL D 7 20.99 22.89 12.62
N TYR D 8 21.20 23.87 13.49
CA TYR D 8 20.30 24.15 14.60
C TYR D 8 19.67 25.54 14.50
N TRP D 9 18.64 25.78 15.31
CA TRP D 9 17.94 27.05 15.34
C TRP D 9 17.54 27.43 16.78
N PHE D 10 18.49 27.97 17.53
CA PHE D 10 18.23 28.36 18.92
C PHE D 10 17.89 29.84 19.07
N VAL E 7 -27.47 12.83 -13.85
CA VAL E 7 -28.41 12.57 -14.97
C VAL E 7 -29.34 11.40 -14.64
N TYR E 8 -30.62 11.72 -14.41
CA TYR E 8 -31.64 10.72 -14.05
C TYR E 8 -32.19 10.00 -15.28
N TRP E 9 -31.57 8.89 -15.67
CA TRP E 9 -32.04 8.15 -16.83
C TRP E 9 -33.20 7.22 -16.48
N PHE E 10 -34.26 7.78 -15.90
CA PHE E 10 -35.43 7.01 -15.53
C PHE E 10 -36.07 6.34 -16.74
N VAL F 7 14.37 -21.64 -21.52
CA VAL F 7 15.83 -21.56 -21.27
C VAL F 7 16.23 -22.52 -20.13
N TYR F 8 17.41 -23.10 -20.25
CA TYR F 8 17.92 -24.03 -19.24
C TYR F 8 19.43 -23.93 -19.05
N TRP F 9 19.86 -23.97 -17.79
CA TRP F 9 21.28 -23.90 -17.47
C TRP F 9 21.71 -25.01 -16.52
N PHE F 10 21.88 -26.23 -17.05
CA PHE F 10 22.30 -27.36 -16.24
C PHE F 10 23.82 -27.49 -16.15
#